data_7PXQ
#
_entry.id   7PXQ
#
_cell.length_a   148.150
_cell.length_b   148.150
_cell.length_c   274.460
_cell.angle_alpha   90.000
_cell.angle_beta   90.000
_cell.angle_gamma   120.000
#
_symmetry.space_group_name_H-M   'P 61 2 2'
#
loop_
_entity.id
_entity.type
_entity.pdbx_description
1 polymer 'xylan alpha-1,2-glucuronidase'
2 non-polymer 'CALCIUM ION'
3 water water
#
_entity_poly.entity_id   1
_entity_poly.type   'polypeptide(L)'
_entity_poly.pdbx_seq_one_letter_code
;GDNKGITYEELNPERFTLLEKGTPTNILIDENEDQGVMIAATNLSEDFGRVSGTNAPLIFLPDNERLIIVGTLESRYIKE
LTENRKIKGDELKGKNEKYLMTVVDNPLPGVKEALIIAGSDKRGAIYGIYELSEQIGVSPWYDWADVPVKPQQNLSIERG
SYTADEPAVTYRGIFLNDEAPALTSWVENTYGTKYGDHRFYSRVFELILRLRGNFLWPAMWDWSFYGDDPLNSKTADTMG
IIMGTSHHEPMARNHQEWARNRDKYGVWDYTSNQEVIDQFFREGIERVKDTDDLITIGMRGGDGATPMGVKEGEDHLFVS
DEDNMRLLERIIKNQREIIGDVTGESPEKTPQVWAIYKEVQRYFDLGLRPPEDVIILLSDDNWGNVRRLPTEEERDHPGG
WGMYYHFDYVGAPRSSKWLNISPIQNIWEQMQLTYDYGVDELWVANVGDLKPMEYPITLFLDMAWDPTRFNAENLLDHTR
SFAAQQFGEDQADEAARIINLYSKYNGRVTPEMLDRNTYNLESGEWKKVSDEYIKLEAEALRQYLTLEPEQRDAYKQLIL
YPVQAMANLYEMYYSQAMNHKLYRENNPMANYWADRVEETFNRDAELSHDYNKVMANGKWDGMMTQKKIGYRSWNDNFPA
DTLPQIFRIENPEEATGGYVFTARDGVVVIEAEHYFEAKDAEEAKWTVIPYMGRTLSSIALMPYTKEVEGASLSYRMQIP
DEVSEVKVHVVVKSTLPFHDPKGHEYRVGFEGGSKEIVNFNWNLNEEPENIYSVFYPTVASRVVKKDVTLDLHDTDDGFY
TLTLEPLDPGIVFQKIVVDFGGYEESRLFMEESPNKRIEES
;
_entity_poly.pdbx_strand_id   A
#
loop_
_chem_comp.id
_chem_comp.type
_chem_comp.name
_chem_comp.formula
CA non-polymer 'CALCIUM ION' 'Ca 2'
#
# COMPACT_ATOMS: atom_id res chain seq x y z
N GLY A 1 -18.26 8.86 -10.56
CA GLY A 1 -18.48 8.28 -9.24
C GLY A 1 -19.70 7.35 -9.26
N ASP A 2 -20.90 7.88 -8.98
CA ASP A 2 -22.08 7.01 -8.82
C ASP A 2 -22.56 6.45 -10.15
N ASN A 3 -22.67 7.28 -11.18
CA ASN A 3 -23.32 6.89 -12.41
C ASN A 3 -22.34 7.01 -13.56
N LYS A 4 -21.99 5.89 -14.17
CA LYS A 4 -20.93 5.86 -15.16
C LYS A 4 -21.51 5.84 -16.56
N GLY A 5 -20.81 6.51 -17.48
CA GLY A 5 -21.18 6.48 -18.89
C GLY A 5 -22.32 7.40 -19.30
N ILE A 6 -22.62 8.45 -18.53
CA ILE A 6 -23.72 9.35 -18.83
C ILE A 6 -23.27 10.74 -19.26
N THR A 7 -21.98 11.06 -19.15
CA THR A 7 -21.44 12.35 -19.56
C THR A 7 -20.58 12.15 -20.79
N TYR A 8 -20.78 12.99 -21.80
CA TYR A 8 -20.05 12.87 -23.05
C TYR A 8 -19.23 14.13 -23.31
N GLU A 9 -18.17 13.96 -24.10
CA GLU A 9 -17.23 15.03 -24.41
C GLU A 9 -17.63 15.82 -25.65
N GLU A 10 -18.81 15.57 -26.22
CA GLU A 10 -19.35 16.41 -27.27
C GLU A 10 -20.86 16.48 -27.11
N LEU A 11 -21.45 17.45 -27.79
CA LEU A 11 -22.84 17.81 -27.58
C LEU A 11 -23.77 16.93 -28.43
N ASN A 12 -25.07 17.00 -28.12
CA ASN A 12 -26.09 16.21 -28.80
C ASN A 12 -27.47 16.75 -28.50
N PRO A 13 -28.38 16.79 -29.48
CA PRO A 13 -29.72 17.34 -29.22
C PRO A 13 -30.47 16.65 -28.09
N GLU A 14 -30.34 15.33 -27.96
CA GLU A 14 -31.09 14.61 -26.93
C GLU A 14 -30.32 14.49 -25.61
N ARG A 15 -29.21 15.21 -25.46
CA ARG A 15 -28.49 15.33 -24.20
C ARG A 15 -28.47 16.78 -23.73
N PHE A 16 -28.18 16.97 -22.44
CA PHE A 16 -28.21 18.29 -21.83
C PHE A 16 -26.80 18.88 -21.79
N THR A 17 -26.65 20.06 -22.39
CA THR A 17 -25.35 20.71 -22.51
C THR A 17 -24.92 21.30 -21.18
N LEU A 18 -23.77 20.84 -20.67
CA LEU A 18 -23.14 21.39 -19.49
C LEU A 18 -22.06 22.41 -19.83
N LEU A 19 -21.50 22.34 -21.02
CA LEU A 19 -20.35 23.17 -21.39
C LEU A 19 -20.32 23.24 -22.91
N GLU A 20 -20.24 24.46 -23.44
CA GLU A 20 -20.30 24.65 -24.90
C GLU A 20 -19.25 25.64 -25.34
N LYS A 21 -18.36 25.19 -26.24
CA LYS A 21 -17.26 26.00 -26.76
C LYS A 21 -16.58 26.79 -25.66
N GLY A 22 -16.33 26.15 -24.53
CA GLY A 22 -15.62 26.77 -23.43
C GLY A 22 -16.49 27.53 -22.44
N THR A 23 -17.77 27.76 -22.75
CA THR A 23 -18.64 28.50 -21.83
C THR A 23 -19.46 27.53 -21.00
N PRO A 24 -19.34 27.53 -19.68
CA PRO A 24 -20.14 26.62 -18.86
C PRO A 24 -21.56 27.14 -18.65
N THR A 25 -22.50 26.22 -18.51
CA THR A 25 -23.83 26.71 -18.16
C THR A 25 -23.86 27.09 -16.69
N ASN A 26 -24.65 28.12 -16.39
CA ASN A 26 -24.67 28.71 -15.06
C ASN A 26 -25.40 27.80 -14.08
N ILE A 27 -25.10 28.01 -12.80
CA ILE A 27 -25.65 27.24 -11.70
C ILE A 27 -26.58 28.15 -10.91
N LEU A 28 -27.85 27.75 -10.81
CA LEU A 28 -28.86 28.49 -10.06
C LEU A 28 -28.95 27.94 -8.65
N ILE A 29 -28.85 28.82 -7.67
CA ILE A 29 -28.96 28.40 -6.28
C ILE A 29 -29.79 29.45 -5.53
N ASP A 30 -30.48 28.99 -4.50
CA ASP A 30 -31.16 29.88 -3.59
C ASP A 30 -30.12 30.59 -2.73
N GLU A 31 -30.10 31.92 -2.81
CA GLU A 31 -29.07 32.69 -2.11
C GLU A 31 -29.14 32.52 -0.61
N ASN A 32 -30.27 32.05 -0.08
CA ASN A 32 -30.41 31.74 1.33
C ASN A 32 -30.30 30.24 1.62
N GLU A 33 -29.78 29.47 0.66
CA GLU A 33 -29.55 28.05 0.84
C GLU A 33 -28.66 27.80 2.06
N ASP A 34 -28.75 26.60 2.61
CA ASP A 34 -27.78 26.14 3.61
C ASP A 34 -26.37 26.47 3.16
N GLN A 35 -25.58 27.04 4.06
CA GLN A 35 -24.27 27.56 3.68
C GLN A 35 -23.33 26.44 3.21
N GLY A 36 -23.42 25.25 3.80
CA GLY A 36 -22.57 24.16 3.35
C GLY A 36 -22.89 23.73 1.93
N VAL A 37 -24.17 23.76 1.56
CA VAL A 37 -24.53 23.54 0.16
C VAL A 37 -23.94 24.64 -0.71
N MET A 38 -23.99 25.88 -0.23
CA MET A 38 -23.45 26.99 -1.00
C MET A 38 -21.95 26.84 -1.23
N ILE A 39 -21.23 26.39 -0.20
CA ILE A 39 -19.79 26.14 -0.36
C ILE A 39 -19.55 25.08 -1.43
N ALA A 40 -20.32 23.99 -1.39
CA ALA A 40 -20.19 22.93 -2.38
C ALA A 40 -20.52 23.43 -3.78
N ALA A 41 -21.55 24.27 -3.90
CA ALA A 41 -21.88 24.85 -5.20
C ALA A 41 -20.78 25.78 -5.68
N THR A 42 -20.13 26.51 -4.76
CA THR A 42 -18.99 27.33 -5.16
C THR A 42 -17.83 26.46 -5.62
N ASN A 43 -17.61 25.33 -4.96
CA ASN A 43 -16.58 24.40 -5.41
C ASN A 43 -16.92 23.85 -6.79
N LEU A 44 -18.20 23.52 -7.03
CA LEU A 44 -18.62 23.09 -8.35
C LEU A 44 -18.33 24.17 -9.41
N SER A 45 -18.61 25.43 -9.06
CA SER A 45 -18.32 26.51 -9.99
C SER A 45 -16.83 26.56 -10.33
N GLU A 46 -15.97 26.38 -9.33
CA GLU A 46 -14.53 26.34 -9.61
C GLU A 46 -14.13 25.05 -10.31
N ASP A 47 -14.83 23.95 -10.06
CA ASP A 47 -14.56 22.72 -10.80
C ASP A 47 -14.73 22.93 -12.30
N PHE A 48 -15.77 23.68 -12.71
CA PHE A 48 -15.90 24.06 -14.11
C PHE A 48 -14.74 24.94 -14.56
N GLY A 49 -14.16 25.72 -13.65
CA GLY A 49 -12.96 26.46 -14.01
C GLY A 49 -11.77 25.54 -14.26
N ARG A 50 -11.62 24.50 -13.44
CA ARG A 50 -10.48 23.61 -13.67
C ARG A 50 -10.64 22.84 -14.98
N VAL A 51 -11.89 22.62 -15.41
CA VAL A 51 -12.14 21.86 -16.62
C VAL A 51 -11.92 22.72 -17.87
N SER A 52 -12.52 23.93 -17.88
CA SER A 52 -12.64 24.71 -19.09
C SER A 52 -11.83 25.99 -19.11
N GLY A 53 -11.33 26.44 -17.97
CA GLY A 53 -10.65 27.71 -17.85
C GLY A 53 -11.51 28.86 -17.35
N THR A 54 -12.83 28.68 -17.26
CA THR A 54 -13.69 29.73 -16.74
C THR A 54 -14.71 29.11 -15.79
N ASN A 55 -14.84 29.72 -14.62
CA ASN A 55 -15.76 29.23 -13.62
C ASN A 55 -17.21 29.32 -14.11
N ALA A 56 -18.01 28.34 -13.74
CA ALA A 56 -19.44 28.41 -14.02
C ALA A 56 -20.07 29.49 -13.15
N PRO A 57 -20.68 30.52 -13.74
CA PRO A 57 -21.31 31.58 -12.92
C PRO A 57 -22.34 31.01 -11.98
N LEU A 58 -22.32 31.49 -10.74
CA LEU A 58 -23.24 31.06 -9.69
C LEU A 58 -24.22 32.18 -9.45
N ILE A 59 -25.47 32.00 -9.88
CA ILE A 59 -26.47 33.05 -9.87
C ILE A 59 -27.61 32.68 -8.92
N PHE A 60 -28.43 33.68 -8.59
CA PHE A 60 -29.50 33.55 -7.61
C PHE A 60 -30.89 33.69 -8.22
N LEU A 61 -30.97 34.02 -9.52
CA LEU A 61 -32.19 34.26 -10.29
C LEU A 61 -32.10 33.56 -11.64
N PRO A 62 -33.15 32.87 -12.04
CA PRO A 62 -33.15 32.23 -13.38
C PRO A 62 -33.00 33.23 -14.53
N ASP A 63 -31.82 33.85 -14.64
CA ASP A 63 -31.51 34.78 -15.73
C ASP A 63 -31.34 34.10 -17.07
N ASN A 64 -31.22 32.78 -17.11
CA ASN A 64 -30.75 32.07 -18.29
C ASN A 64 -31.77 31.03 -18.73
N GLU A 65 -31.69 30.61 -20.00
CA GLU A 65 -32.61 29.60 -20.49
C GLU A 65 -32.13 28.17 -20.29
N ARG A 66 -30.84 27.95 -20.04
CA ARG A 66 -30.39 26.65 -19.57
C ARG A 66 -29.63 26.85 -18.26
N LEU A 67 -29.88 25.94 -17.31
CA LEU A 67 -29.37 26.10 -15.96
C LEU A 67 -29.03 24.74 -15.35
N ILE A 68 -28.10 24.75 -14.41
CA ILE A 68 -27.92 23.67 -13.44
C ILE A 68 -28.53 24.17 -12.15
N ILE A 69 -29.62 23.57 -11.71
CA ILE A 69 -30.40 24.05 -10.59
C ILE A 69 -30.18 23.11 -9.41
N VAL A 70 -29.63 23.62 -8.32
CA VAL A 70 -29.18 22.81 -7.21
C VAL A 70 -29.85 23.30 -5.93
N GLY A 71 -29.91 22.42 -4.93
CA GLY A 71 -30.34 22.85 -3.61
C GLY A 71 -31.04 21.73 -2.84
N THR A 72 -31.37 22.07 -1.60
CA THR A 72 -32.09 21.17 -0.71
C THR A 72 -33.59 21.21 -1.00
N LEU A 73 -34.31 20.26 -0.41
CA LEU A 73 -35.75 20.15 -0.64
C LEU A 73 -36.49 21.41 -0.21
N GLU A 74 -35.94 22.17 0.74
CA GLU A 74 -36.62 23.32 1.27
C GLU A 74 -36.13 24.64 0.69
N SER A 75 -35.21 24.62 -0.26
CA SER A 75 -34.81 25.86 -0.91
C SER A 75 -35.85 26.25 -1.96
N ARG A 76 -35.89 27.55 -2.29
CA ARG A 76 -37.05 28.12 -2.96
C ARG A 76 -37.27 27.53 -4.35
N TYR A 77 -36.18 27.30 -5.10
CA TYR A 77 -36.34 26.83 -6.47
C TYR A 77 -36.67 25.35 -6.51
N ILE A 78 -35.96 24.54 -5.73
CA ILE A 78 -36.28 23.12 -5.61
C ILE A 78 -37.71 22.93 -5.11
N LYS A 79 -38.07 23.65 -4.04
CA LYS A 79 -39.42 23.56 -3.48
C LYS A 79 -40.48 23.83 -4.54
N GLU A 80 -40.18 24.71 -5.50
CA GLU A 80 -41.14 25.02 -6.55
C GLU A 80 -41.25 23.90 -7.56
N LEU A 81 -40.16 23.18 -7.83
CA LEU A 81 -40.23 22.09 -8.80
C LEU A 81 -40.96 20.89 -8.22
N THR A 82 -40.73 20.55 -6.95
CA THR A 82 -41.46 19.44 -6.37
C THR A 82 -42.94 19.76 -6.28
N GLU A 83 -43.30 21.01 -5.94
CA GLU A 83 -44.70 21.39 -5.84
C GLU A 83 -45.42 21.30 -7.18
N ASN A 84 -44.70 21.58 -8.28
CA ASN A 84 -45.28 21.52 -9.61
C ASN A 84 -45.10 20.15 -10.27
N ARG A 85 -44.79 19.12 -9.48
CA ARG A 85 -44.63 17.75 -9.97
C ARG A 85 -43.60 17.65 -11.09
N LYS A 86 -42.78 18.69 -11.25
CA LYS A 86 -41.70 18.67 -12.22
C LYS A 86 -40.57 17.74 -11.81
N ILE A 87 -40.51 17.39 -10.52
CA ILE A 87 -39.53 16.49 -9.93
C ILE A 87 -40.28 15.58 -8.97
N LYS A 88 -39.86 14.31 -8.89
CA LYS A 88 -40.53 13.35 -8.01
C LYS A 88 -40.10 13.59 -6.56
N GLY A 89 -40.73 14.60 -5.95
CA GLY A 89 -40.40 14.97 -4.57
C GLY A 89 -40.57 13.83 -3.59
N ASP A 90 -41.52 12.91 -3.85
CA ASP A 90 -41.74 11.77 -2.97
C ASP A 90 -40.49 10.90 -2.84
N GLU A 91 -39.65 10.87 -3.87
CA GLU A 91 -38.45 10.06 -3.81
C GLU A 91 -37.37 10.65 -2.92
N LEU A 92 -37.61 11.83 -2.34
CA LEU A 92 -36.58 12.53 -1.57
C LEU A 92 -37.03 12.88 -0.16
N LYS A 93 -38.32 13.16 0.02
CA LYS A 93 -38.81 13.66 1.30
C LYS A 93 -38.71 12.58 2.36
N GLY A 94 -38.09 12.93 3.49
CA GLY A 94 -37.84 11.98 4.56
C GLY A 94 -36.60 11.13 4.37
N LYS A 95 -35.93 11.21 3.22
CA LYS A 95 -34.80 10.34 2.94
C LYS A 95 -33.50 10.96 3.46
N ASN A 96 -32.53 10.10 3.76
CA ASN A 96 -31.28 10.50 4.39
C ASN A 96 -30.17 10.59 3.35
N GLU A 97 -29.59 11.78 3.19
CA GLU A 97 -28.37 12.00 2.38
C GLU A 97 -28.53 11.49 0.94
N LYS A 98 -29.69 11.77 0.35
CA LYS A 98 -30.02 11.29 -0.99
C LYS A 98 -30.16 12.46 -1.94
N TYR A 99 -29.69 12.28 -3.17
CA TYR A 99 -29.93 13.30 -4.19
C TYR A 99 -30.72 12.71 -5.35
N LEU A 100 -31.31 13.61 -6.12
CA LEU A 100 -31.97 13.29 -7.38
C LEU A 100 -31.34 14.19 -8.44
N MET A 101 -30.76 13.59 -9.47
CA MET A 101 -30.13 14.33 -10.56
C MET A 101 -30.85 14.00 -11.85
N THR A 102 -31.51 15.00 -12.44
CA THR A 102 -32.28 14.72 -13.65
C THR A 102 -32.45 15.97 -14.50
N VAL A 103 -32.53 15.74 -15.81
CA VAL A 103 -32.83 16.78 -16.79
C VAL A 103 -34.34 16.92 -16.89
N VAL A 104 -34.84 18.17 -16.81
CA VAL A 104 -36.25 18.43 -17.06
C VAL A 104 -36.39 19.59 -18.03
N ASP A 105 -37.45 19.52 -18.84
CA ASP A 105 -37.78 20.56 -19.80
C ASP A 105 -38.69 21.59 -19.13
N ASN A 106 -38.52 22.86 -19.51
CA ASN A 106 -39.27 23.99 -18.96
C ASN A 106 -39.44 23.89 -17.45
N PRO A 107 -38.34 23.86 -16.68
CA PRO A 107 -38.50 23.74 -15.21
C PRO A 107 -39.18 24.95 -14.60
N LEU A 108 -38.71 26.16 -14.93
CA LEU A 108 -39.26 27.42 -14.51
C LEU A 108 -39.62 28.26 -15.73
N PRO A 109 -40.54 29.21 -15.60
CA PRO A 109 -40.76 30.14 -16.71
C PRO A 109 -39.50 30.94 -17.00
N GLY A 110 -39.21 31.11 -18.29
CA GLY A 110 -37.96 31.68 -18.74
C GLY A 110 -36.79 30.72 -18.80
N VAL A 111 -36.92 29.50 -18.30
CA VAL A 111 -35.87 28.49 -18.37
C VAL A 111 -36.36 27.34 -19.25
N LYS A 112 -35.68 27.12 -20.37
CA LYS A 112 -36.14 26.09 -21.30
C LYS A 112 -35.74 24.69 -20.87
N GLU A 113 -34.60 24.55 -20.19
CA GLU A 113 -34.03 23.22 -20.00
C GLU A 113 -33.02 23.30 -18.87
N ALA A 114 -33.04 22.31 -17.98
CA ALA A 114 -32.17 22.38 -16.82
C ALA A 114 -31.81 20.98 -16.34
N LEU A 115 -30.60 20.86 -15.80
CA LEU A 115 -30.25 19.72 -14.97
C LEU A 115 -30.56 20.09 -13.53
N ILE A 116 -31.37 19.28 -12.86
CA ILE A 116 -31.75 19.52 -11.47
C ILE A 116 -30.93 18.59 -10.58
N ILE A 117 -30.39 19.14 -9.49
CA ILE A 117 -29.70 18.37 -8.47
C ILE A 117 -30.37 18.73 -7.15
N ALA A 118 -31.30 17.89 -6.70
CA ALA A 118 -32.07 18.15 -5.50
C ALA A 118 -31.67 17.15 -4.43
N GLY A 119 -31.38 17.65 -3.24
CA GLY A 119 -30.98 16.83 -2.11
C GLY A 119 -32.11 16.71 -1.10
N SER A 120 -32.23 15.51 -0.51
CA SER A 120 -33.15 15.31 0.60
C SER A 120 -32.79 16.12 1.83
N ASP A 121 -31.55 16.59 1.93
CA ASP A 121 -31.03 17.33 3.09
C ASP A 121 -29.70 17.95 2.64
N LYS A 122 -28.98 18.59 3.56
CA LYS A 122 -27.81 19.34 3.12
C LYS A 122 -26.71 18.44 2.56
N ARG A 123 -26.43 17.31 3.21
CA ARG A 123 -25.40 16.42 2.68
C ARG A 123 -25.84 15.75 1.39
N GLY A 124 -27.12 15.36 1.31
CA GLY A 124 -27.65 14.84 0.05
C GLY A 124 -27.45 15.80 -1.11
N ALA A 125 -27.68 17.11 -0.88
CA ALA A 125 -27.44 18.09 -1.92
C ALA A 125 -25.95 18.23 -2.22
N ILE A 126 -25.11 18.30 -1.18
CA ILE A 126 -23.67 18.37 -1.39
C ILE A 126 -23.18 17.16 -2.20
N TYR A 127 -23.71 15.98 -1.88
CA TYR A 127 -23.25 14.79 -2.59
C TYR A 127 -23.66 14.83 -4.05
N GLY A 128 -24.86 15.35 -4.34
CA GLY A 128 -25.28 15.44 -5.73
C GLY A 128 -24.46 16.45 -6.52
N ILE A 129 -24.06 17.53 -5.86
CA ILE A 129 -23.18 18.51 -6.51
C ILE A 129 -21.84 17.86 -6.85
N TYR A 130 -21.28 17.12 -5.90
CA TYR A 130 -19.97 16.51 -6.11
C TYR A 130 -20.04 15.36 -7.11
N GLU A 131 -21.23 14.76 -7.27
CA GLU A 131 -21.41 13.80 -8.36
C GLU A 131 -21.21 14.48 -9.70
N LEU A 132 -21.80 15.67 -9.89
CA LEU A 132 -21.59 16.42 -11.12
C LEU A 132 -20.12 16.80 -11.31
N SER A 133 -19.46 17.24 -10.23
CA SER A 133 -18.02 17.48 -10.27
C SER A 133 -17.24 16.30 -10.85
N GLU A 134 -17.58 15.08 -10.40
CA GLU A 134 -16.86 13.91 -10.94
C GLU A 134 -17.26 13.65 -12.38
N GLN A 135 -18.53 13.93 -12.74
CA GLN A 135 -18.94 13.78 -14.13
C GLN A 135 -18.12 14.64 -15.06
N ILE A 136 -17.91 15.90 -14.68
CA ILE A 136 -17.15 16.81 -15.54
C ILE A 136 -15.66 16.57 -15.42
N GLY A 137 -15.22 15.71 -14.49
CA GLY A 137 -13.89 15.18 -14.47
C GLY A 137 -12.94 15.60 -13.32
N VAL A 138 -13.48 16.16 -12.22
CA VAL A 138 -12.68 16.58 -11.08
C VAL A 138 -12.72 15.46 -10.05
N SER A 139 -11.60 14.74 -9.92
CA SER A 139 -11.52 13.66 -8.96
C SER A 139 -11.63 14.19 -7.54
N PRO A 140 -12.26 13.43 -6.63
CA PRO A 140 -12.14 13.74 -5.19
C PRO A 140 -10.70 13.97 -4.75
N TRP A 141 -9.73 13.38 -5.44
CA TRP A 141 -8.31 13.45 -5.10
C TRP A 141 -7.56 14.55 -5.87
N TYR A 142 -8.29 15.49 -6.49
CA TYR A 142 -7.65 16.53 -7.30
C TYR A 142 -6.68 17.36 -6.49
N ASP A 143 -6.96 17.56 -5.20
CA ASP A 143 -6.06 18.29 -4.32
C ASP A 143 -5.16 17.34 -3.53
N TRP A 144 -5.77 16.40 -2.81
CA TRP A 144 -5.06 15.56 -1.85
C TRP A 144 -4.17 14.49 -2.50
N ALA A 145 -4.33 14.22 -3.80
CA ALA A 145 -3.28 13.45 -4.49
C ALA A 145 -2.91 14.07 -5.84
N ASP A 146 -3.14 15.38 -6.02
CA ASP A 146 -2.72 16.12 -7.23
C ASP A 146 -3.23 15.48 -8.51
N VAL A 147 -4.43 14.90 -8.49
CA VAL A 147 -4.94 14.21 -9.68
C VAL A 147 -5.40 15.28 -10.66
N PRO A 148 -4.76 15.42 -11.82
CA PRO A 148 -5.06 16.55 -12.71
C PRO A 148 -6.43 16.40 -13.34
N VAL A 149 -6.93 17.50 -13.87
CA VAL A 149 -8.26 17.57 -14.48
C VAL A 149 -8.08 17.68 -15.99
N LYS A 150 -8.68 16.76 -16.73
CA LYS A 150 -8.60 16.80 -18.19
C LYS A 150 -9.33 18.03 -18.72
N PRO A 151 -8.69 18.90 -19.50
CA PRO A 151 -9.40 20.07 -20.02
C PRO A 151 -10.46 19.65 -21.02
N GLN A 152 -11.54 20.43 -21.09
CA GLN A 152 -12.65 20.14 -21.99
C GLN A 152 -13.16 21.43 -22.61
N GLN A 153 -13.69 21.29 -23.82
CA GLN A 153 -14.41 22.39 -24.45
C GLN A 153 -15.91 22.18 -24.52
N ASN A 154 -16.38 20.93 -24.48
CA ASN A 154 -17.79 20.61 -24.61
C ASN A 154 -18.12 19.41 -23.73
N LEU A 155 -19.20 19.53 -22.95
CA LEU A 155 -19.71 18.41 -22.15
C LEU A 155 -21.22 18.40 -22.20
N SER A 156 -21.79 17.21 -22.38
CA SER A 156 -23.23 16.99 -22.34
C SER A 156 -23.49 15.76 -21.48
N ILE A 157 -24.70 15.69 -20.93
CA ILE A 157 -25.06 14.63 -20.01
C ILE A 157 -26.42 14.06 -20.40
N GLU A 158 -26.53 12.73 -20.34
CA GLU A 158 -27.74 12.05 -20.78
C GLU A 158 -28.93 12.38 -19.88
N ARG A 159 -30.09 12.48 -20.50
CA ARG A 159 -31.32 12.57 -19.72
C ARG A 159 -31.52 11.28 -18.92
N GLY A 160 -32.42 11.34 -17.96
CA GLY A 160 -32.65 10.26 -17.03
C GLY A 160 -32.75 10.79 -15.63
N SER A 161 -33.00 9.87 -14.70
CA SER A 161 -33.07 10.19 -13.28
C SER A 161 -32.02 9.36 -12.57
N TYR A 162 -31.14 10.03 -11.83
CA TYR A 162 -29.98 9.38 -11.22
C TYR A 162 -29.93 9.69 -9.73
N THR A 163 -29.44 8.71 -8.96
CA THR A 163 -29.33 8.80 -7.52
C THR A 163 -28.32 7.78 -7.04
N ALA A 164 -27.79 8.01 -5.84
CA ALA A 164 -27.09 6.96 -5.09
C ALA A 164 -27.95 6.36 -4.00
N ASP A 165 -29.25 6.66 -3.98
CA ASP A 165 -30.21 6.23 -2.94
C ASP A 165 -29.70 6.70 -1.56
N GLU A 166 -29.98 5.95 -0.53
CA GLU A 166 -29.54 6.37 0.79
C GLU A 166 -28.31 5.58 1.21
N PRO A 167 -27.43 6.15 2.04
CA PRO A 167 -26.26 5.38 2.48
C PRO A 167 -26.67 4.24 3.40
N ALA A 168 -25.87 3.18 3.40
CA ALA A 168 -26.20 2.03 4.21
C ALA A 168 -25.66 2.17 5.63
N VAL A 169 -24.61 2.96 5.82
CA VAL A 169 -24.05 3.22 7.14
C VAL A 169 -24.28 4.68 7.46
N THR A 170 -24.81 4.94 8.65
CA THR A 170 -25.25 6.29 9.04
C THR A 170 -24.09 7.26 9.11
N TYR A 171 -22.99 6.87 9.78
CA TYR A 171 -21.81 7.70 9.94
C TYR A 171 -20.62 6.98 9.31
N ARG A 172 -20.01 7.60 8.31
CA ARG A 172 -18.91 7.01 7.56
C ARG A 172 -17.77 8.01 7.50
N GLY A 173 -16.60 7.63 8.02
CA GLY A 173 -15.50 8.57 8.05
C GLY A 173 -14.18 7.96 8.48
N ILE A 174 -13.31 8.83 9.00
CA ILE A 174 -11.89 8.50 9.20
C ILE A 174 -11.42 9.12 10.50
N PHE A 175 -10.23 8.67 10.91
CA PHE A 175 -9.58 9.05 12.17
C PHE A 175 -8.13 9.38 11.84
N LEU A 176 -7.77 10.66 11.94
CA LEU A 176 -6.39 11.07 11.79
C LEU A 176 -5.66 10.67 13.06
N ASN A 177 -4.63 9.84 12.93
CA ASN A 177 -4.02 9.26 14.11
C ASN A 177 -2.62 8.81 13.75
N ASP A 178 -1.84 8.43 14.77
CA ASP A 178 -0.41 8.15 14.61
C ASP A 178 0.25 9.28 13.82
N GLU A 179 -0.18 10.51 14.10
CA GLU A 179 -0.03 11.62 13.16
C GLU A 179 1.28 12.37 13.28
N ALA A 180 2.12 12.02 14.23
CA ALA A 180 3.46 12.57 14.30
C ALA A 180 4.46 11.50 13.89
N PRO A 181 5.52 11.84 13.14
CA PRO A 181 5.94 13.17 12.68
C PRO A 181 5.37 13.64 11.34
N ALA A 182 4.60 12.80 10.64
CA ALA A 182 4.34 13.12 9.23
C ALA A 182 3.29 14.22 9.09
N LEU A 183 2.05 13.93 9.49
CA LEU A 183 0.97 14.91 9.33
C LEU A 183 1.28 16.18 10.13
N THR A 184 1.87 16.05 11.32
CA THR A 184 2.18 17.24 12.11
C THR A 184 3.22 18.11 11.42
N SER A 185 4.28 17.50 10.87
CA SER A 185 5.27 18.24 10.11
C SER A 185 4.67 18.88 8.88
N TRP A 186 3.79 18.17 8.19
CA TRP A 186 3.23 18.71 6.96
C TRP A 186 2.33 19.90 7.26
N VAL A 187 1.61 19.84 8.39
CA VAL A 187 0.73 20.93 8.80
C VAL A 187 1.54 22.15 9.23
N GLU A 188 2.63 21.93 9.98
CA GLU A 188 3.48 23.04 10.38
C GLU A 188 4.15 23.68 9.17
N ASN A 189 4.62 22.87 8.20
CA ASN A 189 5.22 23.42 6.99
C ASN A 189 4.21 24.17 6.14
N THR A 190 2.97 23.71 6.11
CA THR A 190 1.98 24.29 5.21
C THR A 190 1.24 25.47 5.84
N TYR A 191 0.87 25.37 7.11
CA TYR A 191 0.04 26.37 7.76
C TYR A 191 0.74 27.12 8.89
N GLY A 192 1.98 26.76 9.25
CA GLY A 192 2.69 27.45 10.31
C GLY A 192 2.20 27.17 11.71
N THR A 193 1.34 26.17 11.90
CA THR A 193 0.67 25.93 13.17
C THR A 193 1.13 24.61 13.75
N LYS A 194 1.49 24.62 15.04
CA LYS A 194 1.75 23.38 15.78
C LYS A 194 0.45 22.75 16.31
N TYR A 195 -0.61 22.84 15.51
CA TYR A 195 -1.94 22.33 15.81
C TYR A 195 -2.69 22.34 14.49
N GLY A 196 -3.87 21.72 14.48
CA GLY A 196 -4.73 21.75 13.33
C GLY A 196 -5.77 22.84 13.46
N ASP A 197 -5.71 23.83 12.57
CA ASP A 197 -6.67 24.93 12.63
C ASP A 197 -7.73 24.75 11.55
N HIS A 198 -8.65 25.71 11.47
CA HIS A 198 -9.79 25.56 10.58
C HIS A 198 -9.41 25.61 9.11
N ARG A 199 -8.26 26.18 8.76
CA ARG A 199 -7.81 26.11 7.38
C ARG A 199 -7.46 24.66 7.02
N PHE A 200 -6.65 24.00 7.86
CA PHE A 200 -6.31 22.61 7.63
C PHE A 200 -7.56 21.73 7.59
N TYR A 201 -8.41 21.83 8.62
CA TYR A 201 -9.56 20.92 8.71
C TYR A 201 -10.58 21.18 7.62
N SER A 202 -10.76 22.45 7.22
CA SER A 202 -11.62 22.75 6.08
C SER A 202 -11.20 21.96 4.85
N ARG A 203 -9.90 21.81 4.67
CA ARG A 203 -9.36 21.04 3.54
C ARG A 203 -9.64 19.55 3.73
N VAL A 204 -9.56 19.06 4.97
CA VAL A 204 -9.93 17.67 5.25
C VAL A 204 -11.43 17.46 5.01
N PHE A 205 -12.26 18.45 5.38
CA PHE A 205 -13.71 18.28 5.26
C PHE A 205 -14.13 18.14 3.81
N GLU A 206 -13.58 18.99 2.94
CA GLU A 206 -13.95 18.97 1.54
C GLU A 206 -13.63 17.60 0.92
N LEU A 207 -12.47 17.04 1.26
CA LEU A 207 -12.12 15.73 0.77
C LEU A 207 -13.13 14.68 1.26
N ILE A 208 -13.42 14.65 2.56
CA ILE A 208 -14.36 13.66 3.09
C ILE A 208 -15.71 13.76 2.39
N LEU A 209 -16.21 15.00 2.18
CA LEU A 209 -17.49 15.17 1.50
C LEU A 209 -17.43 14.74 0.04
N ARG A 210 -16.37 15.10 -0.69
CA ARG A 210 -16.22 14.62 -2.06
C ARG A 210 -16.15 13.09 -2.13
N LEU A 211 -15.56 12.45 -1.13
CA LEU A 211 -15.56 10.99 -1.08
C LEU A 211 -16.90 10.41 -0.64
N ARG A 212 -17.88 11.26 -0.27
CA ARG A 212 -19.23 10.88 0.22
C ARG A 212 -19.22 10.31 1.63
N GLY A 213 -18.16 10.55 2.42
CA GLY A 213 -18.24 10.33 3.85
C GLY A 213 -18.86 11.53 4.55
N ASN A 214 -19.07 11.39 5.88
CA ASN A 214 -19.66 12.49 6.64
C ASN A 214 -19.10 12.65 8.05
N PHE A 215 -18.04 11.94 8.41
CA PHE A 215 -17.67 11.76 9.81
C PHE A 215 -16.16 11.88 9.97
N LEU A 216 -15.74 12.45 11.10
CA LEU A 216 -14.30 12.58 11.39
C LEU A 216 -14.03 12.46 12.88
N TRP A 217 -13.01 11.67 13.23
CA TRP A 217 -12.30 11.80 14.50
C TRP A 217 -11.04 12.59 14.23
N PRO A 218 -10.83 13.73 14.87
CA PRO A 218 -9.70 14.60 14.52
C PRO A 218 -8.42 14.11 15.20
N ALA A 219 -7.30 14.66 14.73
CA ALA A 219 -6.02 14.33 15.33
C ALA A 219 -6.00 14.77 16.80
N MET A 220 -5.42 13.91 17.66
CA MET A 220 -5.54 14.11 19.10
C MET A 220 -4.34 13.63 19.93
N TRP A 221 -3.20 13.28 19.32
CA TRP A 221 -2.00 12.95 20.10
C TRP A 221 -1.55 14.15 20.95
N ASP A 222 -1.49 15.34 20.33
CA ASP A 222 -0.96 16.55 20.96
C ASP A 222 -1.79 17.76 20.55
N TRP A 223 -2.95 17.55 19.98
CA TRP A 223 -3.85 18.59 19.53
C TRP A 223 -5.19 18.44 20.23
N SER A 224 -6.03 19.47 20.09
CA SER A 224 -7.43 19.44 20.50
C SER A 224 -8.24 20.11 19.41
N PHE A 225 -9.00 19.33 18.65
CA PHE A 225 -9.87 19.87 17.60
C PHE A 225 -10.75 21.00 18.12
N TYR A 226 -11.43 20.77 19.26
CA TYR A 226 -12.36 21.77 19.78
C TYR A 226 -11.66 22.96 20.44
N GLY A 227 -10.56 22.72 21.15
CA GLY A 227 -9.93 23.79 21.90
C GLY A 227 -8.93 24.66 21.14
N ASP A 228 -8.25 24.09 20.14
CA ASP A 228 -7.15 24.81 19.49
C ASP A 228 -7.65 25.96 18.63
N ASP A 229 -8.88 25.90 18.14
CA ASP A 229 -9.41 26.90 17.20
C ASP A 229 -10.93 26.91 17.28
N PRO A 230 -11.54 28.06 17.60
CA PRO A 230 -13.01 28.11 17.70
C PRO A 230 -13.74 27.89 16.39
N LEU A 231 -13.08 28.09 15.25
CA LEU A 231 -13.72 27.89 13.95
C LEU A 231 -13.71 26.43 13.51
N ASN A 232 -12.96 25.57 14.19
CA ASN A 232 -12.92 24.16 13.82
C ASN A 232 -14.32 23.56 13.83
N SER A 233 -14.98 23.58 14.98
CA SER A 233 -16.32 23.02 15.07
C SER A 233 -17.30 23.79 14.20
N LYS A 234 -17.21 25.12 14.17
CA LYS A 234 -18.13 25.91 13.34
C LYS A 234 -18.01 25.55 11.87
N THR A 235 -16.77 25.35 11.39
CA THR A 235 -16.59 24.98 9.99
C THR A 235 -17.12 23.58 9.72
N ALA A 236 -16.82 22.63 10.61
CA ALA A 236 -17.36 21.27 10.45
C ALA A 236 -18.87 21.30 10.36
N ASP A 237 -19.51 22.04 11.27
CA ASP A 237 -20.96 22.12 11.32
C ASP A 237 -21.53 22.77 10.08
N THR A 238 -20.99 23.92 9.68
CA THR A 238 -21.41 24.58 8.45
C THR A 238 -21.23 23.67 7.24
N MET A 239 -20.04 23.08 7.09
CA MET A 239 -19.74 22.38 5.85
C MET A 239 -20.50 21.06 5.74
N GLY A 240 -20.85 20.46 6.87
CA GLY A 240 -21.59 19.24 6.88
C GLY A 240 -20.88 17.98 7.39
N ILE A 241 -19.77 18.11 8.13
CA ILE A 241 -19.07 16.96 8.71
C ILE A 241 -19.54 16.76 10.15
N ILE A 242 -19.96 15.54 10.47
CA ILE A 242 -20.24 15.16 11.86
C ILE A 242 -18.92 14.88 12.56
N MET A 243 -18.67 15.60 13.65
CA MET A 243 -17.44 15.38 14.43
C MET A 243 -17.72 14.39 15.54
N GLY A 244 -16.69 13.64 15.92
CA GLY A 244 -16.74 12.75 17.06
C GLY A 244 -15.39 12.71 17.74
N THR A 245 -15.30 11.88 18.77
CA THR A 245 -14.05 11.63 19.48
C THR A 245 -13.88 10.12 19.62
N SER A 246 -12.64 9.70 19.91
CA SER A 246 -12.32 8.28 20.08
C SER A 246 -12.83 7.73 21.40
N HIS A 247 -12.52 6.45 21.64
CA HIS A 247 -13.18 5.63 22.68
C HIS A 247 -13.19 6.30 24.04
N HIS A 248 -12.03 6.77 24.50
CA HIS A 248 -11.84 7.24 25.86
C HIS A 248 -11.76 8.75 25.95
N GLU A 249 -12.49 9.44 25.07
CA GLU A 249 -12.64 10.89 25.09
C GLU A 249 -14.12 11.20 25.24
N PRO A 250 -14.69 11.05 26.44
CA PRO A 250 -16.13 11.26 26.61
C PRO A 250 -16.52 12.73 26.54
N MET A 251 -17.75 12.96 26.06
CA MET A 251 -18.47 14.22 26.26
C MET A 251 -17.86 15.38 25.48
N ALA A 252 -17.38 15.11 24.27
CA ALA A 252 -16.90 16.14 23.32
C ALA A 252 -15.78 16.99 23.91
N ARG A 253 -14.94 16.38 24.74
CA ARG A 253 -13.67 16.94 25.16
C ARG A 253 -12.55 16.09 24.57
N ASN A 254 -11.60 16.72 23.88
CA ASN A 254 -10.45 15.97 23.38
C ASN A 254 -9.49 15.70 24.52
N HIS A 255 -8.85 14.52 24.47
CA HIS A 255 -8.00 14.07 25.57
C HIS A 255 -7.02 15.14 26.04
N GLN A 256 -6.38 15.83 25.09
CA GLN A 256 -5.32 16.77 25.43
C GLN A 256 -5.83 17.94 26.26
N GLU A 257 -7.14 18.23 26.21
CA GLU A 257 -7.68 19.27 27.08
C GLU A 257 -7.51 18.92 28.55
N TRP A 258 -7.52 17.63 28.89
CA TRP A 258 -7.20 17.23 30.26
C TRP A 258 -5.70 17.19 30.49
N ALA A 259 -4.95 16.62 29.54
CA ALA A 259 -3.52 16.38 29.74
C ALA A 259 -2.75 17.69 29.91
N ARG A 260 -3.01 18.68 29.05
CA ARG A 260 -2.34 19.97 29.12
C ARG A 260 -2.51 20.69 30.45
N ASN A 261 -3.48 20.27 31.27
CA ASN A 261 -3.73 20.86 32.58
C ASN A 261 -3.95 19.76 33.61
N ARG A 262 -3.08 18.75 33.57
CA ARG A 262 -3.21 17.61 34.49
C ARG A 262 -2.94 18.02 35.93
N ASP A 263 -2.13 19.07 36.13
CA ASP A 263 -1.85 19.56 37.47
C ASP A 263 -3.03 20.34 38.04
N LYS A 264 -3.77 21.05 37.20
CA LYS A 264 -4.90 21.84 37.67
C LYS A 264 -6.17 21.00 37.81
N TYR A 265 -6.29 19.91 37.06
CA TYR A 265 -7.54 19.18 36.99
C TYR A 265 -7.65 18.07 38.04
N GLY A 266 -6.57 17.38 38.36
CA GLY A 266 -6.66 16.34 39.36
C GLY A 266 -6.42 14.93 38.86
N VAL A 267 -7.27 13.98 39.27
CA VAL A 267 -6.91 12.57 39.20
C VAL A 267 -7.50 11.88 37.97
N TRP A 268 -8.67 12.32 37.52
CA TRP A 268 -9.47 11.59 36.53
C TRP A 268 -9.96 10.28 37.15
N ASP A 269 -10.51 10.41 38.35
CA ASP A 269 -11.17 9.32 39.06
C ASP A 269 -12.57 9.83 39.41
N TYR A 270 -13.59 9.16 38.87
CA TYR A 270 -14.95 9.69 39.04
C TYR A 270 -15.40 9.67 40.49
N THR A 271 -14.72 8.91 41.36
CA THR A 271 -15.13 8.85 42.76
C THR A 271 -14.62 10.06 43.55
N SER A 272 -13.39 10.52 43.27
CA SER A 272 -12.79 11.60 44.04
C SER A 272 -13.03 12.98 43.40
N ASN A 273 -12.71 13.11 42.11
CA ASN A 273 -12.83 14.35 41.36
C ASN A 273 -14.17 14.50 40.67
N GLN A 274 -15.27 14.06 41.30
CA GLN A 274 -16.52 13.89 40.55
C GLN A 274 -17.04 15.22 40.02
N GLU A 275 -17.03 16.27 40.83
CA GLU A 275 -17.60 17.52 40.33
C GLU A 275 -16.65 18.26 39.40
N VAL A 276 -15.33 18.05 39.53
CA VAL A 276 -14.40 18.58 38.55
C VAL A 276 -14.63 17.95 37.18
N ILE A 277 -14.83 16.62 37.16
CA ILE A 277 -15.03 15.90 35.90
C ILE A 277 -16.42 16.15 35.34
N ASP A 278 -17.42 16.33 36.21
CA ASP A 278 -18.76 16.70 35.74
C ASP A 278 -18.73 18.04 35.01
N GLN A 279 -18.06 19.04 35.58
CA GLN A 279 -17.94 20.33 34.90
C GLN A 279 -17.19 20.20 33.59
N PHE A 280 -16.15 19.36 33.56
CA PHE A 280 -15.48 19.04 32.31
C PHE A 280 -16.48 18.58 31.27
N PHE A 281 -17.32 17.61 31.63
CA PHE A 281 -18.31 17.06 30.71
C PHE A 281 -19.28 18.13 30.24
N ARG A 282 -19.78 18.95 31.18
CA ARG A 282 -20.82 19.93 30.85
C ARG A 282 -20.33 20.93 29.82
N GLU A 283 -19.16 21.55 30.06
CA GLU A 283 -18.61 22.51 29.11
C GLU A 283 -18.54 21.92 27.71
N GLY A 284 -18.16 20.65 27.61
CA GLY A 284 -18.08 20.02 26.31
C GLY A 284 -19.41 20.01 25.59
N ILE A 285 -20.46 19.53 26.25
CA ILE A 285 -21.78 19.46 25.63
C ILE A 285 -22.26 20.85 25.24
N GLU A 286 -21.94 21.85 26.05
CA GLU A 286 -22.36 23.20 25.73
C GLU A 286 -21.75 23.71 24.44
N ARG A 287 -20.52 23.27 24.12
CA ARG A 287 -19.84 23.73 22.92
C ARG A 287 -20.50 23.23 21.65
N VAL A 288 -21.21 22.10 21.71
CA VAL A 288 -21.68 21.42 20.51
C VAL A 288 -23.20 21.51 20.33
N LYS A 289 -23.89 22.27 21.20
CA LYS A 289 -25.32 22.07 21.47
C LYS A 289 -26.16 21.99 20.20
N ASP A 290 -25.90 22.85 19.22
CA ASP A 290 -26.73 22.94 18.03
C ASP A 290 -26.02 22.44 16.77
N THR A 291 -24.88 21.78 16.93
CA THR A 291 -24.31 20.92 15.90
C THR A 291 -24.83 19.50 16.09
N ASP A 292 -24.48 18.62 15.18
CA ASP A 292 -25.00 17.26 15.21
C ASP A 292 -23.92 16.24 15.56
N ASP A 293 -22.91 16.68 16.30
CA ASP A 293 -21.75 15.82 16.57
C ASP A 293 -22.16 14.62 17.40
N LEU A 294 -21.40 13.54 17.24
CA LEU A 294 -21.62 12.31 17.97
C LEU A 294 -20.88 12.37 19.29
N ILE A 295 -21.59 12.06 20.39
CA ILE A 295 -21.06 12.19 21.74
C ILE A 295 -20.63 10.83 22.27
N THR A 296 -19.34 10.69 22.56
CA THR A 296 -18.84 9.53 23.28
C THR A 296 -19.26 9.61 24.73
N ILE A 297 -19.78 8.51 25.28
CA ILE A 297 -20.15 8.46 26.69
C ILE A 297 -19.44 7.27 27.34
N GLY A 298 -19.42 7.28 28.68
CA GLY A 298 -18.63 6.32 29.44
C GLY A 298 -17.35 6.92 29.99
N MET A 299 -16.47 6.03 30.46
CA MET A 299 -15.24 6.46 31.11
C MET A 299 -14.34 5.29 31.48
N ARG A 300 -13.03 5.53 31.43
CA ARG A 300 -12.02 4.56 31.80
C ARG A 300 -11.11 5.18 32.85
N GLY A 301 -10.98 4.52 34.00
CA GLY A 301 -10.12 5.02 35.07
C GLY A 301 -8.64 4.87 34.77
N SER A 320 -13.86 -4.38 42.80
CA SER A 320 -14.60 -5.58 42.43
C SER A 320 -15.37 -5.37 41.13
N ASP A 321 -15.93 -6.45 40.57
CA ASP A 321 -16.61 -6.38 39.28
C ASP A 321 -17.99 -5.75 39.38
N GLU A 322 -18.77 -6.14 40.39
CA GLU A 322 -20.11 -5.59 40.56
C GLU A 322 -20.07 -4.12 40.95
N ASP A 323 -19.04 -3.71 41.69
CA ASP A 323 -18.89 -2.30 42.04
C ASP A 323 -18.42 -1.47 40.86
N ASN A 324 -17.66 -2.08 39.95
CA ASN A 324 -17.27 -1.40 38.72
C ASN A 324 -18.46 -1.18 37.80
N MET A 325 -19.25 -2.25 37.58
CA MET A 325 -20.43 -2.13 36.74
C MET A 325 -21.41 -1.09 37.28
N ARG A 326 -21.45 -0.91 38.61
CA ARG A 326 -22.33 0.06 39.20
C ARG A 326 -21.82 1.48 38.99
N LEU A 327 -20.52 1.71 39.23
CA LEU A 327 -19.95 3.03 39.03
C LEU A 327 -20.06 3.48 37.58
N LEU A 328 -19.86 2.57 36.63
CA LEU A 328 -20.02 2.93 35.21
C LEU A 328 -21.47 3.26 34.89
N GLU A 329 -22.41 2.50 35.47
CA GLU A 329 -23.82 2.79 35.29
C GLU A 329 -24.15 4.20 35.80
N ARG A 330 -23.50 4.61 36.89
CA ARG A 330 -23.73 5.94 37.47
C ARG A 330 -23.11 7.03 36.62
N ILE A 331 -21.89 6.82 36.14
CA ILE A 331 -21.25 7.78 35.26
C ILE A 331 -22.14 8.07 34.05
N ILE A 332 -22.73 7.01 33.47
CA ILE A 332 -23.47 7.18 32.23
C ILE A 332 -24.73 7.99 32.45
N LYS A 333 -25.57 7.56 33.40
CA LYS A 333 -26.79 8.32 33.61
C LYS A 333 -26.50 9.71 34.17
N ASN A 334 -25.36 9.91 34.82
CA ASN A 334 -24.92 11.26 35.14
C ASN A 334 -24.64 12.06 33.87
N GLN A 335 -23.87 11.47 32.94
CA GLN A 335 -23.57 12.15 31.68
C GLN A 335 -24.84 12.50 30.93
N ARG A 336 -25.85 11.63 31.00
CA ARG A 336 -27.06 11.88 30.23
C ARG A 336 -27.94 12.96 30.87
N GLU A 337 -27.87 13.15 32.19
CA GLU A 337 -28.57 14.29 32.77
C GLU A 337 -27.88 15.59 32.39
N ILE A 338 -26.55 15.56 32.27
CA ILE A 338 -25.83 16.75 31.84
C ILE A 338 -26.24 17.13 30.42
N ILE A 339 -26.37 16.13 29.54
CA ILE A 339 -26.83 16.40 28.17
C ILE A 339 -28.23 16.99 28.19
N GLY A 340 -29.14 16.37 28.94
CA GLY A 340 -30.48 16.94 29.08
C GLY A 340 -30.44 18.38 29.55
N ASP A 341 -29.60 18.66 30.56
CA ASP A 341 -29.53 20.02 31.11
C ASP A 341 -29.08 21.01 30.05
N VAL A 342 -27.98 20.71 29.37
CA VAL A 342 -27.42 21.65 28.40
C VAL A 342 -28.35 21.78 27.19
N THR A 343 -28.77 20.66 26.61
CA THR A 343 -29.57 20.70 25.39
C THR A 343 -30.99 21.14 25.66
N GLY A 344 -31.45 21.05 26.90
CA GLY A 344 -32.84 21.37 27.18
C GLY A 344 -33.83 20.42 26.57
N GLU A 345 -33.38 19.22 26.19
CA GLU A 345 -34.28 18.20 25.67
C GLU A 345 -33.74 16.84 26.07
N SER A 346 -34.59 15.83 25.94
CA SER A 346 -34.30 14.52 26.50
C SER A 346 -33.00 13.97 25.91
N PRO A 347 -32.25 13.18 26.68
CA PRO A 347 -30.90 12.78 26.23
C PRO A 347 -30.89 12.04 24.91
N GLU A 348 -31.96 11.30 24.60
CA GLU A 348 -31.98 10.51 23.37
C GLU A 348 -32.06 11.37 22.11
N LYS A 349 -32.36 12.67 22.24
CA LYS A 349 -32.34 13.57 21.10
C LYS A 349 -30.93 13.99 20.69
N THR A 350 -29.91 13.59 21.44
CA THR A 350 -28.52 13.81 21.10
C THR A 350 -27.87 12.48 20.77
N PRO A 351 -27.20 12.35 19.62
CA PRO A 351 -26.61 11.06 19.25
C PRO A 351 -25.41 10.73 20.13
N GLN A 352 -25.31 9.45 20.49
CA GLN A 352 -24.34 9.02 21.48
C GLN A 352 -23.72 7.71 21.04
N VAL A 353 -22.49 7.47 21.49
CA VAL A 353 -21.76 6.26 21.16
C VAL A 353 -21.00 5.82 22.41
N TRP A 354 -21.02 4.51 22.68
CA TRP A 354 -20.32 3.94 23.83
C TRP A 354 -19.43 2.81 23.35
N ALA A 355 -18.14 2.89 23.66
CA ALA A 355 -17.13 2.02 23.08
C ALA A 355 -16.84 0.83 23.98
N ILE A 356 -16.76 -0.35 23.36
CA ILE A 356 -16.38 -1.57 24.04
C ILE A 356 -14.86 -1.70 24.00
N TYR A 357 -14.25 -1.84 25.17
CA TYR A 357 -12.82 -2.16 25.26
C TYR A 357 -12.72 -3.33 26.24
N LYS A 358 -11.50 -3.73 26.63
CA LYS A 358 -11.31 -5.01 27.31
C LYS A 358 -12.05 -5.07 28.65
N GLU A 359 -11.78 -4.12 29.55
CA GLU A 359 -12.39 -4.13 30.87
C GLU A 359 -13.90 -4.26 30.80
N VAL A 360 -14.54 -3.47 29.92
CA VAL A 360 -15.99 -3.48 29.83
C VAL A 360 -16.52 -4.53 28.88
N GLN A 361 -15.65 -5.36 28.29
CA GLN A 361 -16.16 -6.49 27.52
C GLN A 361 -16.73 -7.57 28.42
N ARG A 362 -16.09 -7.78 29.58
CA ARG A 362 -16.65 -8.69 30.57
C ARG A 362 -18.00 -8.17 31.06
N TYR A 363 -18.06 -6.88 31.40
CA TYR A 363 -19.31 -6.33 31.93
C TYR A 363 -20.44 -6.51 30.93
N PHE A 364 -20.14 -6.41 29.63
CA PHE A 364 -21.17 -6.61 28.63
C PHE A 364 -21.71 -8.04 28.66
N ASP A 365 -20.82 -9.03 28.73
CA ASP A 365 -21.23 -10.42 28.69
C ASP A 365 -21.96 -10.82 29.95
N LEU A 366 -21.86 -10.04 31.02
CA LEU A 366 -22.65 -10.20 32.22
C LEU A 366 -23.97 -9.44 32.17
N GLY A 367 -24.24 -8.70 31.09
CA GLY A 367 -25.52 -8.05 30.90
C GLY A 367 -25.51 -6.55 30.69
N LEU A 368 -24.36 -5.90 30.90
CA LEU A 368 -24.31 -4.45 30.91
C LEU A 368 -24.54 -3.90 29.51
N ARG A 369 -25.52 -3.02 29.36
CA ARG A 369 -25.83 -2.32 28.13
C ARG A 369 -25.97 -0.85 28.40
N PRO A 370 -25.60 0.01 27.45
CA PRO A 370 -25.92 1.44 27.57
C PRO A 370 -27.40 1.67 27.37
N PRO A 371 -27.90 2.90 27.51
CA PRO A 371 -29.30 3.15 27.16
C PRO A 371 -29.53 2.82 25.71
N GLU A 372 -30.73 2.33 25.39
CA GLU A 372 -30.81 1.58 24.14
C GLU A 372 -30.78 2.45 22.88
N ASP A 373 -30.84 3.78 23.02
CA ASP A 373 -30.65 4.66 21.87
C ASP A 373 -29.18 4.86 21.50
N VAL A 374 -28.24 4.36 22.33
CA VAL A 374 -26.80 4.63 22.18
C VAL A 374 -26.18 3.62 21.22
N ILE A 375 -25.35 4.12 20.30
CA ILE A 375 -24.58 3.26 19.41
C ILE A 375 -23.49 2.56 20.22
N ILE A 376 -23.41 1.24 20.08
CA ILE A 376 -22.35 0.44 20.70
C ILE A 376 -21.25 0.25 19.66
N LEU A 377 -20.09 0.84 19.91
CA LEU A 377 -18.98 0.81 18.97
C LEU A 377 -18.09 -0.40 19.25
N LEU A 378 -17.94 -1.27 18.26
CA LEU A 378 -16.97 -2.36 18.31
C LEU A 378 -15.69 -1.92 17.62
N SER A 379 -14.60 -2.66 17.88
CA SER A 379 -13.29 -2.37 17.32
C SER A 379 -12.68 -3.64 16.76
N ASP A 380 -11.82 -3.48 15.75
CA ASP A 380 -11.06 -4.62 15.24
C ASP A 380 -9.89 -4.86 16.17
N ASP A 381 -8.99 -5.77 15.80
CA ASP A 381 -7.89 -6.18 16.66
C ASP A 381 -6.65 -5.31 16.50
N ASN A 382 -6.79 -4.12 15.91
CA ASN A 382 -5.72 -3.21 15.48
C ASN A 382 -5.00 -3.72 14.26
N TRP A 383 -5.40 -4.85 13.70
CA TRP A 383 -4.76 -5.39 12.51
C TRP A 383 -5.78 -5.85 11.48
N GLY A 384 -6.99 -5.30 11.53
CA GLY A 384 -7.95 -5.50 10.46
C GLY A 384 -8.87 -6.72 10.59
N ASN A 385 -8.91 -7.37 11.74
CA ASN A 385 -9.82 -8.48 11.98
C ASN A 385 -10.79 -8.09 13.08
N VAL A 386 -12.08 -8.35 12.87
CA VAL A 386 -13.06 -7.98 13.90
C VAL A 386 -12.96 -8.95 15.07
N ARG A 387 -13.00 -8.41 16.28
CA ARG A 387 -12.91 -9.26 17.47
C ARG A 387 -14.23 -9.96 17.73
N ARG A 388 -15.32 -9.19 17.75
CA ARG A 388 -16.60 -9.67 18.25
C ARG A 388 -17.72 -8.95 17.52
N LEU A 389 -18.73 -9.70 17.14
CA LEU A 389 -19.90 -9.15 16.46
C LEU A 389 -21.14 -9.54 17.24
N PRO A 390 -22.25 -8.83 17.07
CA PRO A 390 -23.46 -9.20 17.80
C PRO A 390 -23.96 -10.58 17.38
N THR A 391 -24.38 -11.36 18.37
CA THR A 391 -25.22 -12.54 18.12
C THR A 391 -26.61 -12.10 17.66
N GLU A 392 -27.41 -13.07 17.22
CA GLU A 392 -28.76 -12.77 16.77
C GLU A 392 -29.61 -12.14 17.88
N GLU A 393 -29.32 -12.46 19.14
CA GLU A 393 -30.08 -11.91 20.26
C GLU A 393 -29.67 -10.48 20.58
N GLU A 394 -28.39 -10.15 20.41
CA GLU A 394 -27.87 -8.81 20.67
C GLU A 394 -28.08 -7.84 19.51
N ARG A 395 -28.26 -8.34 18.28
CA ARG A 395 -28.47 -7.47 17.13
C ARG A 395 -29.69 -6.57 17.30
N ASP A 396 -30.62 -6.94 18.19
CA ASP A 396 -31.84 -6.18 18.44
C ASP A 396 -31.60 -4.72 18.78
N HIS A 397 -30.43 -4.40 19.39
CA HIS A 397 -30.15 -3.16 20.10
C HIS A 397 -30.58 -1.94 19.29
N PRO A 398 -31.61 -1.22 19.74
CA PRO A 398 -32.17 -0.14 18.90
C PRO A 398 -31.14 0.92 18.49
N GLY A 399 -30.14 1.20 19.33
CA GLY A 399 -29.15 2.18 18.95
C GLY A 399 -28.20 1.71 17.86
N GLY A 400 -28.12 0.41 17.63
CA GLY A 400 -27.24 -0.10 16.60
C GLY A 400 -25.78 -0.13 17.03
N TRP A 401 -24.90 -0.32 16.04
CA TRP A 401 -23.52 -0.75 16.28
C TRP A 401 -22.54 -0.01 15.37
N GLY A 402 -21.31 0.12 15.85
CA GLY A 402 -20.25 0.72 15.07
C GLY A 402 -19.07 -0.22 14.91
N MET A 403 -18.21 0.04 13.92
CA MET A 403 -16.95 -0.69 13.78
C MET A 403 -15.81 0.30 13.53
N TYR A 404 -14.75 0.17 14.33
CA TYR A 404 -13.54 0.96 14.20
C TYR A 404 -12.45 0.06 13.60
N TYR A 405 -11.88 0.48 12.47
CA TYR A 405 -11.02 -0.37 11.65
C TYR A 405 -9.68 0.33 11.38
N HIS A 406 -8.60 -0.45 11.38
CA HIS A 406 -7.24 0.09 11.32
C HIS A 406 -6.59 -0.12 9.94
N PHE A 407 -6.06 0.97 9.37
CA PHE A 407 -5.10 0.94 8.27
C PHE A 407 -3.67 1.24 8.74
N ASP A 408 -3.51 1.53 10.03
CA ASP A 408 -2.31 2.09 10.63
C ASP A 408 -2.39 1.78 12.13
N TYR A 409 -1.28 1.42 12.76
CA TYR A 409 -1.37 1.13 14.18
C TYR A 409 -0.06 1.36 14.90
N VAL A 410 -0.13 1.95 16.10
CA VAL A 410 1.02 2.05 16.99
C VAL A 410 0.79 1.15 18.21
N GLY A 411 1.63 0.12 18.33
CA GLY A 411 1.51 -0.82 19.43
C GLY A 411 2.06 -2.18 19.04
N ALA A 412 1.48 -3.21 19.63
CA ALA A 412 2.00 -4.56 19.50
C ALA A 412 1.57 -5.18 18.17
N PRO A 413 2.36 -6.12 17.62
CA PRO A 413 3.67 -6.54 18.16
C PRO A 413 4.77 -5.57 17.72
N ARG A 414 4.46 -4.78 16.70
CA ARG A 414 5.29 -3.66 16.27
C ARG A 414 4.41 -2.71 15.46
N SER A 415 4.71 -1.42 15.59
CA SER A 415 3.93 -0.40 14.89
C SER A 415 4.06 -0.56 13.39
N SER A 416 3.01 -0.14 12.67
CA SER A 416 3.05 0.05 11.23
C SER A 416 2.59 1.47 10.97
N LYS A 417 3.53 2.33 10.55
CA LYS A 417 3.30 3.77 10.43
C LYS A 417 3.67 4.34 9.07
N TRP A 418 4.14 3.54 8.12
CA TRP A 418 4.80 4.09 6.93
C TRP A 418 3.91 4.11 5.69
N LEU A 419 3.56 2.95 5.16
CA LEU A 419 2.81 2.78 3.91
C LEU A 419 1.51 1.99 4.13
N ASN A 420 0.69 1.94 3.08
CA ASN A 420 -0.49 1.08 3.04
C ASN A 420 -0.10 -0.39 3.24
N ILE A 421 -0.79 -1.06 4.17
CA ILE A 421 -0.54 -2.48 4.42
C ILE A 421 -1.81 -3.29 4.25
N SER A 422 -2.85 -2.71 3.67
CA SER A 422 -4.21 -3.23 3.72
C SER A 422 -4.71 -3.57 2.33
N PRO A 423 -4.39 -4.75 1.82
CA PRO A 423 -4.98 -5.18 0.56
C PRO A 423 -6.50 -5.16 0.59
N ILE A 424 -7.03 -4.90 -0.59
CA ILE A 424 -8.45 -4.67 -0.83
C ILE A 424 -9.26 -5.87 -0.38
N GLN A 425 -8.73 -7.08 -0.64
CA GLN A 425 -9.44 -8.31 -0.29
C GLN A 425 -9.65 -8.41 1.21
N ASN A 426 -8.68 -7.96 2.00
CA ASN A 426 -8.78 -8.11 3.45
C ASN A 426 -9.81 -7.15 4.02
N ILE A 427 -9.81 -5.91 3.54
CA ILE A 427 -10.79 -4.94 3.98
C ILE A 427 -12.19 -5.45 3.66
N TRP A 428 -12.40 -5.87 2.41
CA TRP A 428 -13.72 -6.32 2.01
C TRP A 428 -14.15 -7.55 2.82
N GLU A 429 -13.27 -8.54 2.97
CA GLU A 429 -13.68 -9.81 3.56
C GLU A 429 -14.16 -9.61 5.00
N GLN A 430 -13.55 -8.71 5.75
CA GLN A 430 -13.97 -8.50 7.12
C GLN A 430 -15.14 -7.52 7.22
N MET A 431 -15.18 -6.49 6.35
CA MET A 431 -16.27 -5.52 6.41
C MET A 431 -17.58 -6.08 5.84
N GLN A 432 -17.53 -7.00 4.87
CA GLN A 432 -18.78 -7.63 4.43
C GLN A 432 -19.37 -8.48 5.54
N LEU A 433 -18.51 -9.14 6.33
CA LEU A 433 -18.96 -9.85 7.51
C LEU A 433 -19.58 -8.88 8.50
N THR A 434 -18.90 -7.75 8.75
CA THR A 434 -19.39 -6.75 9.69
C THR A 434 -20.78 -6.29 9.29
N TYR A 435 -21.00 -5.98 8.01
CA TYR A 435 -22.30 -5.48 7.58
C TYR A 435 -23.38 -6.56 7.67
N ASP A 436 -23.07 -7.80 7.27
CA ASP A 436 -24.05 -8.86 7.30
C ASP A 436 -24.52 -9.22 8.71
N TYR A 437 -23.72 -8.93 9.73
CA TYR A 437 -24.13 -9.17 11.10
C TYR A 437 -24.83 -7.97 11.73
N GLY A 438 -25.16 -6.94 10.95
CA GLY A 438 -26.00 -5.87 11.43
C GLY A 438 -25.28 -4.65 11.96
N VAL A 439 -23.98 -4.50 11.72
CA VAL A 439 -23.23 -3.35 12.21
C VAL A 439 -23.20 -2.31 11.08
N ASP A 440 -24.09 -1.28 11.20
CA ASP A 440 -24.20 -0.27 10.14
C ASP A 440 -24.58 1.12 10.65
N GLU A 441 -24.27 1.45 11.90
CA GLU A 441 -24.49 2.83 12.31
C GLU A 441 -23.25 3.70 12.15
N LEU A 442 -22.09 3.16 12.47
CA LEU A 442 -20.83 3.92 12.39
C LEU A 442 -19.74 3.01 11.84
N TRP A 443 -19.09 3.44 10.74
CA TRP A 443 -17.85 2.85 10.26
C TRP A 443 -16.79 3.93 10.24
N VAL A 444 -15.69 3.71 10.97
CA VAL A 444 -14.62 4.69 10.99
C VAL A 444 -13.28 3.97 10.94
N ALA A 445 -12.39 4.45 10.06
CA ALA A 445 -11.09 3.85 9.80
C ALA A 445 -9.96 4.71 10.35
N ASN A 446 -9.04 4.09 11.09
CA ASN A 446 -7.76 4.73 11.41
C ASN A 446 -6.90 4.83 10.15
N VAL A 447 -6.66 6.05 9.65
CA VAL A 447 -5.99 6.26 8.38
C VAL A 447 -4.58 6.81 8.57
N GLY A 448 -4.05 6.82 9.79
CA GLY A 448 -2.74 7.41 9.97
C GLY A 448 -2.77 8.88 9.62
N ASP A 449 -1.78 9.33 8.84
CA ASP A 449 -1.70 10.71 8.34
C ASP A 449 -2.58 10.96 7.11
N LEU A 450 -3.51 10.05 6.81
CA LEU A 450 -4.40 10.08 5.65
C LEU A 450 -3.63 9.58 4.41
N LYS A 451 -2.69 10.37 3.89
CA LYS A 451 -1.77 9.78 2.92
C LYS A 451 -0.80 8.87 3.66
N PRO A 452 -0.36 7.75 3.04
CA PRO A 452 -0.68 7.27 1.70
C PRO A 452 -1.77 6.18 1.68
N MET A 453 -2.85 6.38 2.43
CA MET A 453 -3.97 5.44 2.48
C MET A 453 -5.09 5.83 1.51
N GLU A 454 -4.77 6.57 0.45
CA GLU A 454 -5.81 7.15 -0.39
C GLU A 454 -6.74 6.08 -0.97
N TYR A 455 -6.18 4.97 -1.46
CA TYR A 455 -7.05 3.96 -2.06
C TYR A 455 -7.87 3.19 -1.02
N PRO A 456 -7.29 2.68 0.08
CA PRO A 456 -8.17 1.98 1.04
C PRO A 456 -9.22 2.90 1.63
N ILE A 457 -8.95 4.21 1.75
CA ILE A 457 -9.98 5.14 2.23
C ILE A 457 -11.15 5.17 1.25
N THR A 458 -10.85 5.30 -0.04
CA THR A 458 -11.89 5.37 -1.05
C THR A 458 -12.74 4.10 -1.05
N LEU A 459 -12.06 2.94 -0.96
CA LEU A 459 -12.77 1.68 -0.92
C LEU A 459 -13.66 1.57 0.32
N PHE A 460 -13.15 1.99 1.48
CA PHE A 460 -13.84 1.77 2.74
C PHE A 460 -15.09 2.64 2.81
N LEU A 461 -14.98 3.90 2.38
CA LEU A 461 -16.15 4.78 2.33
C LEU A 461 -17.16 4.33 1.27
N ASP A 462 -16.69 3.99 0.06
CA ASP A 462 -17.60 3.48 -0.96
C ASP A 462 -18.36 2.26 -0.47
N MET A 463 -17.71 1.43 0.35
CA MET A 463 -18.34 0.22 0.82
C MET A 463 -19.34 0.53 1.92
N ALA A 464 -19.00 1.47 2.81
CA ALA A 464 -19.97 1.97 3.77
C ALA A 464 -21.20 2.55 3.08
N TRP A 465 -21.05 3.17 1.91
CA TRP A 465 -22.22 3.73 1.22
C TRP A 465 -23.19 2.62 0.79
N ASP A 466 -22.65 1.53 0.24
CA ASP A 466 -23.47 0.47 -0.34
C ASP A 466 -22.65 -0.82 -0.39
N PRO A 467 -22.55 -1.53 0.73
CA PRO A 467 -21.78 -2.79 0.72
C PRO A 467 -22.31 -3.81 -0.24
N THR A 468 -23.58 -3.66 -0.62
CA THR A 468 -24.28 -4.64 -1.43
C THR A 468 -23.65 -4.82 -2.79
N ARG A 469 -23.07 -3.76 -3.35
CA ARG A 469 -22.49 -3.83 -4.68
C ARG A 469 -21.08 -4.44 -4.70
N PHE A 470 -20.57 -4.98 -3.60
CA PHE A 470 -19.25 -5.59 -3.56
C PHE A 470 -19.37 -7.09 -3.31
N ASN A 471 -18.74 -7.89 -4.17
CA ASN A 471 -18.63 -9.33 -3.94
C ASN A 471 -17.22 -9.77 -4.31
N ALA A 472 -16.92 -11.06 -4.13
CA ALA A 472 -15.57 -11.55 -4.39
C ALA A 472 -15.20 -11.38 -5.86
N GLU A 473 -16.15 -11.63 -6.76
CA GLU A 473 -15.85 -11.57 -8.18
C GLU A 473 -15.57 -10.14 -8.67
N ASN A 474 -16.05 -9.10 -7.99
CA ASN A 474 -15.98 -7.77 -8.58
C ASN A 474 -15.12 -6.77 -7.79
N LEU A 475 -14.41 -7.18 -6.75
CA LEU A 475 -13.56 -6.25 -6.01
C LEU A 475 -12.65 -5.45 -6.93
N LEU A 476 -11.98 -6.13 -7.85
CA LEU A 476 -11.00 -5.42 -8.66
C LEU A 476 -11.63 -4.47 -9.67
N ASP A 477 -12.92 -4.66 -10.00
CA ASP A 477 -13.64 -3.65 -10.77
C ASP A 477 -13.59 -2.30 -10.07
N HIS A 478 -13.71 -2.31 -8.73
CA HIS A 478 -13.61 -1.06 -8.00
C HIS A 478 -12.23 -0.43 -8.20
N THR A 479 -11.18 -1.23 -8.03
CA THR A 479 -9.83 -0.70 -8.21
C THR A 479 -9.67 -0.16 -9.63
N ARG A 480 -10.26 -0.85 -10.61
CA ARG A 480 -10.16 -0.40 -12.00
C ARG A 480 -10.85 0.94 -12.23
N SER A 481 -12.07 1.11 -11.70
CA SER A 481 -12.76 2.38 -11.84
C SER A 481 -12.00 3.48 -11.12
N PHE A 482 -11.42 3.17 -9.97
CA PHE A 482 -10.60 4.15 -9.27
C PHE A 482 -9.44 4.60 -10.16
N ALA A 483 -8.77 3.63 -10.78
CA ALA A 483 -7.61 3.94 -11.61
C ALA A 483 -8.03 4.72 -12.86
N ALA A 484 -9.18 4.39 -13.46
CA ALA A 484 -9.62 5.12 -14.64
C ALA A 484 -9.94 6.56 -14.30
N GLN A 485 -10.48 6.78 -13.09
CA GLN A 485 -10.75 8.14 -12.63
C GLN A 485 -9.46 8.92 -12.43
N GLN A 486 -8.43 8.30 -11.85
CA GLN A 486 -7.23 9.08 -11.57
C GLN A 486 -6.34 9.25 -12.81
N PHE A 487 -6.31 8.25 -13.72
CA PHE A 487 -5.32 8.25 -14.79
C PHE A 487 -5.89 8.10 -16.19
N GLY A 488 -7.20 8.00 -16.36
CA GLY A 488 -7.77 7.80 -17.69
C GLY A 488 -8.00 6.33 -18.02
N GLU A 489 -8.97 6.10 -18.92
CA GLU A 489 -9.32 4.76 -19.40
C GLU A 489 -8.09 3.96 -19.80
N ASP A 490 -7.24 4.56 -20.62
CA ASP A 490 -6.14 3.85 -21.28
C ASP A 490 -5.07 3.39 -20.30
N GLN A 491 -5.11 3.89 -19.07
CA GLN A 491 -4.13 3.57 -18.06
C GLN A 491 -4.70 2.68 -16.96
N ALA A 492 -6.01 2.44 -16.98
CA ALA A 492 -6.70 1.97 -15.78
C ALA A 492 -6.38 0.51 -15.45
N ASP A 493 -6.47 -0.40 -16.44
CA ASP A 493 -6.19 -1.81 -16.19
C ASP A 493 -4.83 -1.99 -15.53
N GLU A 494 -3.81 -1.37 -16.12
CA GLU A 494 -2.45 -1.57 -15.63
C GLU A 494 -2.24 -0.91 -14.28
N ALA A 495 -2.79 0.30 -14.09
CA ALA A 495 -2.66 0.98 -12.80
C ALA A 495 -3.37 0.21 -11.70
N ALA A 496 -4.57 -0.30 -11.98
CA ALA A 496 -5.25 -1.09 -10.97
C ALA A 496 -4.48 -2.37 -10.68
N ARG A 497 -3.93 -3.02 -11.73
CA ARG A 497 -3.19 -4.27 -11.50
C ARG A 497 -2.07 -4.03 -10.50
N ILE A 498 -1.35 -2.92 -10.65
CA ILE A 498 -0.19 -2.65 -9.81
C ILE A 498 -0.63 -2.29 -8.40
N ILE A 499 -1.72 -1.53 -8.26
CA ILE A 499 -2.23 -1.18 -6.93
C ILE A 499 -2.62 -2.43 -6.17
N ASN A 500 -3.36 -3.32 -6.85
CA ASN A 500 -3.77 -4.57 -6.23
C ASN A 500 -2.55 -5.41 -5.85
N LEU A 501 -1.54 -5.47 -6.71
CA LEU A 501 -0.49 -6.44 -6.44
C LEU A 501 0.49 -5.94 -5.38
N TYR A 502 0.77 -4.62 -5.32
CA TYR A 502 1.67 -4.13 -4.28
C TYR A 502 0.97 -4.19 -2.92
N SER A 503 -0.33 -3.89 -2.87
CA SER A 503 -1.07 -4.05 -1.62
C SER A 503 -1.02 -5.48 -1.11
N LYS A 504 -1.20 -6.45 -2.02
CA LYS A 504 -1.06 -7.85 -1.64
C LYS A 504 0.33 -8.12 -1.05
N TYR A 505 1.38 -7.65 -1.72
CA TYR A 505 2.74 -7.89 -1.20
C TYR A 505 2.91 -7.28 0.18
N ASN A 506 2.38 -6.07 0.37
CA ASN A 506 2.51 -5.44 1.67
C ASN A 506 1.70 -6.17 2.73
N GLY A 507 0.72 -6.97 2.33
CA GLY A 507 -0.05 -7.77 3.26
C GLY A 507 0.71 -8.96 3.84
N ARG A 508 1.79 -9.39 3.16
CA ARG A 508 2.52 -10.57 3.60
C ARG A 508 3.29 -10.31 4.90
N VAL A 509 3.76 -9.09 5.10
CA VAL A 509 4.57 -8.71 6.24
C VAL A 509 4.69 -7.20 6.19
N THR A 510 4.51 -6.53 7.33
CA THR A 510 4.65 -5.08 7.33
C THR A 510 6.09 -4.70 7.06
N PRO A 511 6.30 -3.52 6.48
CA PRO A 511 7.68 -3.03 6.26
C PRO A 511 8.51 -2.97 7.53
N GLU A 512 7.88 -2.58 8.63
CA GLU A 512 8.56 -2.46 9.91
C GLU A 512 9.00 -3.82 10.46
N MET A 513 8.25 -4.89 10.17
CA MET A 513 8.63 -6.21 10.67
C MET A 513 9.43 -7.05 9.68
N LEU A 514 9.45 -6.67 8.40
CA LEU A 514 10.35 -7.25 7.43
C LEU A 514 11.79 -7.07 7.88
N ASP A 515 12.57 -8.15 7.84
CA ASP A 515 14.02 -8.04 8.04
C ASP A 515 14.70 -9.19 7.29
N ARG A 516 16.01 -9.35 7.52
CA ARG A 516 16.77 -10.34 6.76
C ARG A 516 16.21 -11.76 6.92
N ASN A 517 15.48 -12.03 8.00
CA ASN A 517 15.03 -13.37 8.34
C ASN A 517 13.60 -13.67 7.93
N THR A 518 12.91 -12.75 7.26
CA THR A 518 11.49 -12.94 7.04
C THR A 518 11.22 -14.13 6.12
N TYR A 519 11.96 -14.22 5.02
CA TYR A 519 11.76 -15.19 3.96
C TYR A 519 12.86 -16.25 3.99
N ASN A 520 12.60 -17.38 3.33
CA ASN A 520 13.55 -18.48 3.31
C ASN A 520 14.60 -18.21 2.23
N LEU A 521 15.87 -18.12 2.64
CA LEU A 521 16.97 -17.88 1.71
C LEU A 521 17.33 -19.13 0.92
N GLU A 522 17.58 -20.25 1.62
CA GLU A 522 18.11 -21.44 0.95
C GLU A 522 17.16 -21.98 -0.12
N SER A 523 15.85 -21.86 0.08
CA SER A 523 14.90 -22.46 -0.85
C SER A 523 14.69 -21.62 -2.11
N GLY A 524 15.23 -20.41 -2.17
CA GLY A 524 14.95 -19.50 -3.25
C GLY A 524 13.78 -18.55 -3.03
N GLU A 525 13.05 -18.70 -1.92
CA GLU A 525 11.88 -17.85 -1.66
C GLU A 525 12.26 -16.37 -1.55
N TRP A 526 13.37 -16.06 -0.86
CA TRP A 526 13.77 -14.66 -0.72
C TRP A 526 14.05 -14.02 -2.08
N LYS A 527 14.85 -14.71 -2.90
CA LYS A 527 15.16 -14.20 -4.22
C LYS A 527 13.89 -13.97 -5.02
N LYS A 528 12.99 -14.95 -4.99
CA LYS A 528 11.71 -14.85 -5.69
C LYS A 528 10.96 -13.58 -5.30
N VAL A 529 10.74 -13.35 -4.00
CA VAL A 529 9.91 -12.21 -3.65
C VAL A 529 10.65 -10.89 -3.86
N SER A 530 11.98 -10.90 -3.76
CA SER A 530 12.72 -9.67 -4.07
C SER A 530 12.70 -9.37 -5.58
N ASP A 531 12.95 -10.38 -6.41
CA ASP A 531 12.91 -10.16 -7.85
C ASP A 531 11.51 -9.78 -8.32
N GLU A 532 10.46 -10.32 -7.68
CA GLU A 532 9.11 -10.04 -8.16
C GLU A 532 8.68 -8.62 -7.80
N TYR A 533 9.14 -8.11 -6.67
CA TYR A 533 8.83 -6.73 -6.35
C TYR A 533 9.52 -5.80 -7.32
N ILE A 534 10.77 -6.10 -7.68
CA ILE A 534 11.49 -5.29 -8.66
C ILE A 534 10.83 -5.39 -10.03
N LYS A 535 10.30 -6.57 -10.39
CA LYS A 535 9.57 -6.67 -11.65
C LYS A 535 8.35 -5.76 -11.65
N LEU A 536 7.59 -5.74 -10.54
CA LEU A 536 6.47 -4.80 -10.39
C LEU A 536 6.94 -3.36 -10.57
N GLU A 537 8.11 -3.01 -10.00
CA GLU A 537 8.66 -1.67 -10.20
C GLU A 537 8.97 -1.41 -11.67
N ALA A 538 9.54 -2.39 -12.37
CA ALA A 538 9.83 -2.17 -13.78
C ALA A 538 8.56 -1.89 -14.56
N GLU A 539 7.47 -2.58 -14.20
CA GLU A 539 6.20 -2.35 -14.88
C GLU A 539 5.62 -0.98 -14.55
N ALA A 540 5.76 -0.55 -13.30
CA ALA A 540 5.30 0.77 -12.91
C ALA A 540 6.10 1.86 -13.62
N LEU A 541 7.42 1.67 -13.72
CA LEU A 541 8.27 2.63 -14.45
C LEU A 541 7.87 2.72 -15.92
N ARG A 542 7.59 1.58 -16.57
CA ARG A 542 7.18 1.66 -17.98
C ARG A 542 5.88 2.45 -18.11
N GLN A 543 4.93 2.22 -17.19
CA GLN A 543 3.67 2.95 -17.25
C GLN A 543 3.91 4.44 -17.02
N TYR A 544 4.74 4.74 -16.03
CA TYR A 544 5.10 6.11 -15.68
C TYR A 544 5.59 6.87 -16.90
N LEU A 545 6.40 6.23 -17.75
CA LEU A 545 6.95 6.85 -18.94
C LEU A 545 5.89 7.14 -20.00
N THR A 546 4.74 6.46 -19.97
CA THR A 546 3.69 6.76 -20.95
C THR A 546 2.75 7.87 -20.51
N LEU A 547 2.90 8.39 -19.29
CA LEU A 547 1.95 9.38 -18.78
C LEU A 547 2.25 10.78 -19.32
N GLU A 548 1.21 11.59 -19.41
CA GLU A 548 1.40 13.03 -19.60
C GLU A 548 2.09 13.61 -18.36
N PRO A 549 2.92 14.63 -18.53
CA PRO A 549 3.62 15.21 -17.37
C PRO A 549 2.71 15.59 -16.22
N GLU A 550 1.53 16.16 -16.49
CA GLU A 550 0.64 16.56 -15.40
C GLU A 550 0.11 15.38 -14.59
N GLN A 551 0.30 14.14 -15.02
CA GLN A 551 -0.15 13.00 -14.21
C GLN A 551 0.95 12.39 -13.34
N ARG A 552 2.20 12.86 -13.47
CA ARG A 552 3.30 12.16 -12.82
C ARG A 552 3.22 12.18 -11.30
N ASP A 553 2.90 13.33 -10.71
CA ASP A 553 2.89 13.46 -9.25
C ASP A 553 1.82 12.57 -8.61
N ALA A 554 0.65 12.52 -9.23
CA ALA A 554 -0.41 11.64 -8.73
C ALA A 554 0.01 10.18 -8.85
N TYR A 555 0.60 9.81 -9.99
CA TYR A 555 1.09 8.43 -10.14
C TYR A 555 2.15 8.11 -9.10
N LYS A 556 3.07 9.05 -8.85
CA LYS A 556 4.11 8.77 -7.85
C LYS A 556 3.49 8.57 -6.47
N GLN A 557 2.50 9.41 -6.10
CA GLN A 557 1.87 9.30 -4.79
C GLN A 557 1.07 8.01 -4.66
N LEU A 558 0.39 7.59 -5.72
CA LEU A 558 -0.53 6.49 -5.60
C LEU A 558 0.12 5.15 -5.92
N ILE A 559 1.18 5.14 -6.72
CA ILE A 559 1.74 3.90 -7.23
C ILE A 559 3.27 3.88 -7.16
N LEU A 560 3.95 4.86 -7.77
CA LEU A 560 5.38 4.70 -8.01
C LEU A 560 6.19 4.76 -6.72
N TYR A 561 5.85 5.66 -5.80
CA TYR A 561 6.67 5.73 -4.59
C TYR A 561 6.43 4.50 -3.68
N PRO A 562 5.19 4.06 -3.44
CA PRO A 562 5.05 2.85 -2.61
C PRO A 562 5.72 1.64 -3.25
N VAL A 563 5.59 1.48 -4.57
CA VAL A 563 6.20 0.33 -5.25
C VAL A 563 7.72 0.44 -5.22
N GLN A 564 8.27 1.59 -5.59
CA GLN A 564 9.73 1.72 -5.60
C GLN A 564 10.31 1.58 -4.19
N ALA A 565 9.67 2.20 -3.19
CA ALA A 565 10.21 2.15 -1.84
C ALA A 565 10.19 0.73 -1.28
N MET A 566 9.12 -0.03 -1.56
CA MET A 566 9.04 -1.43 -1.13
C MET A 566 9.99 -2.34 -1.91
N ALA A 567 10.10 -2.15 -3.24
CA ALA A 567 11.02 -3.02 -3.97
C ALA A 567 12.46 -2.78 -3.53
N ASN A 568 12.79 -1.52 -3.23
CA ASN A 568 14.11 -1.22 -2.71
C ASN A 568 14.29 -1.84 -1.32
N LEU A 569 13.30 -1.72 -0.45
CA LEU A 569 13.40 -2.26 0.91
C LEU A 569 13.56 -3.78 0.88
N TYR A 570 12.79 -4.48 0.05
CA TYR A 570 12.94 -5.93 -0.09
C TYR A 570 14.36 -6.29 -0.50
N GLU A 571 14.90 -5.56 -1.49
CA GLU A 571 16.24 -5.87 -1.99
C GLU A 571 17.30 -5.58 -0.95
N MET A 572 17.11 -4.54 -0.13
CA MET A 572 18.03 -4.25 0.97
C MET A 572 18.14 -5.45 1.92
N TYR A 573 17.00 -5.94 2.43
CA TYR A 573 17.06 -7.05 3.38
C TYR A 573 17.46 -8.35 2.69
N TYR A 574 16.99 -8.58 1.46
CA TYR A 574 17.48 -9.74 0.72
C TYR A 574 18.99 -9.67 0.56
N SER A 575 19.53 -8.47 0.29
CA SER A 575 20.98 -8.36 0.16
C SER A 575 21.67 -8.60 1.50
N GLN A 576 21.09 -8.11 2.59
CA GLN A 576 21.68 -8.33 3.90
C GLN A 576 21.75 -9.82 4.21
N ALA A 577 20.67 -10.56 3.95
CA ALA A 577 20.71 -12.00 4.20
C ALA A 577 21.76 -12.67 3.32
N MET A 578 21.89 -12.21 2.08
CA MET A 578 22.90 -12.75 1.18
C MET A 578 24.31 -12.43 1.70
N ASN A 579 24.49 -11.23 2.25
CA ASN A 579 25.78 -10.86 2.81
C ASN A 579 26.14 -11.75 3.98
N HIS A 580 25.17 -12.00 4.88
CA HIS A 580 25.45 -12.82 6.06
C HIS A 580 25.76 -14.26 5.69
N LYS A 581 25.06 -14.81 4.71
CA LYS A 581 25.32 -16.19 4.31
C LYS A 581 26.73 -16.35 3.76
N LEU A 582 27.13 -15.45 2.86
CA LEU A 582 28.43 -15.57 2.20
C LEU A 582 29.57 -15.24 3.15
N TYR A 583 29.36 -14.28 4.06
CA TYR A 583 30.36 -14.00 5.09
C TYR A 583 30.59 -15.20 5.99
N ARG A 584 29.50 -15.86 6.40
CA ARG A 584 29.65 -17.10 7.17
C ARG A 584 30.47 -18.11 6.40
N GLU A 585 30.22 -18.21 5.08
CA GLU A 585 30.91 -19.16 4.23
C GLU A 585 32.34 -18.73 3.93
N ASN A 586 32.72 -17.51 4.33
CA ASN A 586 34.06 -16.97 4.13
C ASN A 586 34.35 -16.72 2.65
N ASN A 587 33.29 -16.39 1.91
CA ASN A 587 33.33 -16.17 0.46
C ASN A 587 33.38 -14.68 0.19
N PRO A 588 34.40 -14.17 -0.53
CA PRO A 588 34.52 -12.71 -0.71
C PRO A 588 33.35 -12.08 -1.43
N MET A 589 32.51 -12.86 -2.10
CA MET A 589 31.29 -12.32 -2.70
C MET A 589 30.38 -11.65 -1.67
N ALA A 590 30.63 -11.84 -0.38
CA ALA A 590 29.84 -11.12 0.61
C ALA A 590 30.01 -9.62 0.46
N ASN A 591 31.18 -9.18 -0.02
CA ASN A 591 31.46 -7.75 -0.10
C ASN A 591 30.54 -7.07 -1.11
N TYR A 592 30.28 -7.73 -2.24
CA TYR A 592 29.35 -7.17 -3.22
C TYR A 592 27.98 -6.92 -2.59
N TRP A 593 27.49 -7.89 -1.80
CA TRP A 593 26.19 -7.78 -1.16
C TRP A 593 26.19 -6.74 -0.05
N ALA A 594 27.31 -6.59 0.66
CA ALA A 594 27.45 -5.47 1.58
C ALA A 594 27.28 -4.14 0.85
N ASP A 595 27.91 -4.00 -0.32
CA ASP A 595 27.72 -2.78 -1.10
C ASP A 595 26.26 -2.56 -1.46
N ARG A 596 25.55 -3.61 -1.89
CA ARG A 596 24.16 -3.43 -2.26
C ARG A 596 23.31 -3.02 -1.05
N VAL A 597 23.62 -3.53 0.14
CA VAL A 597 22.88 -3.07 1.32
C VAL A 597 23.07 -1.57 1.52
N GLU A 598 24.31 -1.10 1.41
CA GLU A 598 24.59 0.33 1.53
C GLU A 598 23.85 1.13 0.47
N GLU A 599 23.94 0.70 -0.80
CA GLU A 599 23.33 1.46 -1.89
C GLU A 599 21.81 1.52 -1.77
N THR A 600 21.18 0.37 -1.47
CA THR A 600 19.71 0.40 -1.34
C THR A 600 19.29 1.21 -0.13
N PHE A 601 20.00 1.06 0.99
CA PHE A 601 19.68 1.87 2.16
C PHE A 601 19.73 3.37 1.83
N ASN A 602 20.76 3.83 1.11
CA ASN A 602 20.81 5.24 0.71
C ASN A 602 19.70 5.57 -0.29
N ARG A 603 19.38 4.65 -1.20
CA ARG A 603 18.28 4.87 -2.12
C ARG A 603 16.95 5.10 -1.38
N ASP A 604 16.74 4.47 -0.23
CA ASP A 604 15.53 4.76 0.53
C ASP A 604 15.45 6.24 0.91
N ALA A 605 16.58 6.82 1.33
CA ALA A 605 16.61 8.26 1.59
C ALA A 605 16.43 9.07 0.32
N GLU A 606 16.92 8.59 -0.83
CA GLU A 606 16.72 9.36 -2.06
C GLU A 606 15.24 9.41 -2.45
N LEU A 607 14.53 8.29 -2.31
CA LEU A 607 13.13 8.22 -2.73
C LEU A 607 12.25 9.10 -1.86
N SER A 608 12.46 9.12 -0.54
CA SER A 608 11.60 9.92 0.32
C SER A 608 11.99 11.40 0.25
N HIS A 609 13.26 11.72 0.01
CA HIS A 609 13.64 13.10 -0.29
C HIS A 609 12.88 13.60 -1.51
N ASP A 610 12.79 12.77 -2.54
CA ASP A 610 12.06 13.14 -3.74
C ASP A 610 10.58 13.36 -3.44
N TYR A 611 9.96 12.44 -2.70
CA TYR A 611 8.56 12.60 -2.32
C TYR A 611 8.34 13.88 -1.54
N ASN A 612 9.20 14.17 -0.55
CA ASN A 612 8.98 15.34 0.30
C ASN A 612 9.34 16.64 -0.41
N LYS A 613 10.46 16.70 -1.15
CA LYS A 613 11.07 17.97 -1.54
C LYS A 613 10.94 18.32 -3.02
N VAL A 614 10.79 17.34 -3.90
CA VAL A 614 10.88 17.57 -5.34
C VAL A 614 9.53 17.37 -6.02
N MET A 615 8.87 16.25 -5.74
CA MET A 615 7.55 15.95 -6.28
C MET A 615 6.57 17.07 -5.95
N ALA A 616 5.77 17.47 -6.95
CA ALA A 616 4.75 18.51 -6.74
C ALA A 616 5.34 19.75 -6.07
N ASN A 617 6.59 20.06 -6.42
CA ASN A 617 7.26 21.26 -5.94
C ASN A 617 7.27 21.32 -4.41
N GLY A 618 7.41 20.17 -3.77
CA GLY A 618 7.48 20.17 -2.33
C GLY A 618 6.15 20.34 -1.61
N LYS A 619 5.03 20.23 -2.33
CA LYS A 619 3.72 20.46 -1.72
C LYS A 619 3.49 19.57 -0.48
N TRP A 620 4.02 18.35 -0.49
CA TRP A 620 3.76 17.37 0.55
C TRP A 620 4.93 17.22 1.53
N ASP A 621 5.84 18.21 1.58
CA ASP A 621 7.00 18.15 2.46
C ASP A 621 6.61 17.87 3.90
N GLY A 622 7.04 16.72 4.42
CA GLY A 622 6.66 16.34 5.76
C GLY A 622 5.95 15.00 5.79
N MET A 623 5.07 14.78 4.80
CA MET A 623 4.23 13.58 4.75
C MET A 623 5.01 12.28 4.72
N MET A 624 6.25 12.30 4.26
CA MET A 624 6.96 11.03 4.11
C MET A 624 8.24 11.04 4.93
N THR A 625 8.16 11.48 6.18
CA THR A 625 9.34 11.53 7.06
C THR A 625 9.40 10.40 8.08
N GLN A 626 8.43 9.48 8.08
CA GLN A 626 8.43 8.36 9.02
C GLN A 626 9.65 7.47 8.83
N LYS A 627 10.36 7.19 9.92
CA LYS A 627 11.46 6.22 9.86
C LYS A 627 10.90 4.79 9.82
N LYS A 628 11.64 3.92 9.15
CA LYS A 628 11.18 2.55 8.99
C LYS A 628 12.29 1.50 9.03
N ILE A 629 13.57 1.88 9.06
CA ILE A 629 14.67 0.93 9.02
C ILE A 629 15.46 1.08 10.29
N GLY A 630 15.42 0.06 11.15
CA GLY A 630 16.11 0.12 12.42
C GLY A 630 15.28 -0.25 13.63
N TYR A 631 14.06 -0.77 13.42
CA TYR A 631 13.22 -1.19 14.55
C TYR A 631 13.90 -2.32 15.31
N ARG A 632 13.96 -2.17 16.64
CA ARG A 632 14.38 -3.25 17.52
C ARG A 632 13.29 -3.72 18.45
N SER A 633 12.36 -2.84 18.82
CA SER A 633 11.20 -3.21 19.63
C SER A 633 9.94 -2.81 18.86
N TRP A 634 8.83 -2.70 19.58
CA TRP A 634 7.55 -2.36 18.98
C TRP A 634 7.44 -0.91 18.54
N ASN A 635 8.20 0.00 19.15
CA ASN A 635 8.03 1.43 18.92
C ASN A 635 9.16 1.96 18.05
N ASP A 636 8.93 3.13 17.45
CA ASP A 636 9.93 3.76 16.60
C ASP A 636 10.81 4.74 17.37
N ASN A 637 11.18 4.37 18.59
CA ASN A 637 11.98 5.25 19.44
C ASN A 637 13.48 5.01 19.23
N PHE A 638 13.90 4.95 17.98
CA PHE A 638 15.31 5.02 17.64
C PHE A 638 15.55 6.30 16.86
N PRO A 639 16.80 6.77 16.76
CA PRO A 639 17.02 8.14 16.24
C PRO A 639 16.53 8.37 14.82
N ALA A 640 16.86 7.45 13.91
CA ALA A 640 16.64 7.65 12.48
C ALA A 640 16.74 6.31 11.80
N ASP A 641 16.40 6.30 10.51
CA ASP A 641 16.74 5.18 9.65
C ASP A 641 18.21 4.80 9.82
N THR A 642 18.47 3.51 10.05
CA THR A 642 19.81 3.04 10.41
C THR A 642 20.22 1.91 9.49
N LEU A 643 21.47 1.97 9.03
CA LEU A 643 22.00 0.96 8.12
C LEU A 643 21.96 -0.43 8.74
N PRO A 644 21.32 -1.41 8.11
CA PRO A 644 21.39 -2.79 8.64
C PRO A 644 22.83 -3.28 8.69
N GLN A 645 23.17 -3.98 9.79
CA GLN A 645 24.54 -4.44 10.00
C GLN A 645 24.99 -5.37 8.88
N ILE A 646 26.20 -5.11 8.35
CA ILE A 646 26.78 -5.91 7.27
C ILE A 646 28.21 -6.28 7.63
N PHE A 647 28.74 -7.27 6.92
CA PHE A 647 30.07 -7.83 7.19
C PHE A 647 30.91 -7.87 5.92
N ARG A 648 32.21 -7.65 6.08
CA ARG A 648 33.11 -7.59 4.95
C ARG A 648 34.31 -8.49 5.18
N ILE A 649 34.78 -9.12 4.11
CA ILE A 649 35.97 -9.94 4.14
C ILE A 649 37.16 -9.09 3.75
N GLU A 650 38.10 -8.93 4.68
CA GLU A 650 39.32 -8.17 4.43
C GLU A 650 40.17 -8.87 3.37
N ASN A 651 40.87 -8.06 2.58
CA ASN A 651 41.75 -8.54 1.53
C ASN A 651 41.05 -9.59 0.64
N PRO A 652 39.96 -9.20 0.00
CA PRO A 652 39.13 -10.22 -0.68
C PRO A 652 39.81 -10.87 -1.87
N GLU A 653 40.55 -10.11 -2.67
CA GLU A 653 41.07 -10.74 -3.88
C GLU A 653 42.18 -11.72 -3.59
N GLU A 654 42.59 -11.84 -2.34
CA GLU A 654 43.49 -12.90 -1.92
C GLU A 654 42.76 -14.00 -1.15
N ALA A 655 41.43 -13.92 -1.03
CA ALA A 655 40.64 -14.96 -0.37
C ALA A 655 40.03 -15.88 -1.43
N THR A 656 40.89 -16.69 -2.03
CA THR A 656 40.50 -17.58 -3.13
C THR A 656 40.94 -19.00 -2.82
N GLY A 657 40.38 -19.96 -3.56
CA GLY A 657 40.59 -21.37 -3.30
C GLY A 657 40.06 -21.83 -1.95
N GLY A 658 40.28 -23.11 -1.63
CA GLY A 658 39.85 -23.66 -0.36
C GLY A 658 38.36 -23.95 -0.25
N TYR A 659 37.66 -24.08 -1.37
CA TYR A 659 36.24 -24.34 -1.35
C TYR A 659 35.97 -25.84 -1.21
N VAL A 660 35.07 -26.20 -0.29
CA VAL A 660 34.63 -27.59 -0.14
C VAL A 660 33.10 -27.63 -0.21
N PHE A 661 32.58 -28.54 -1.02
CA PHE A 661 31.17 -28.66 -1.35
C PHE A 661 30.54 -29.86 -0.62
N THR A 662 29.25 -29.72 -0.27
CA THR A 662 28.46 -30.87 0.18
C THR A 662 27.36 -31.13 -0.83
N ALA A 663 27.10 -32.41 -1.10
CA ALA A 663 26.10 -32.78 -2.09
C ALA A 663 24.70 -32.35 -1.64
N ARG A 664 23.81 -32.16 -2.62
CA ARG A 664 22.42 -31.83 -2.35
C ARG A 664 21.57 -32.28 -3.52
N ASP A 665 20.52 -33.06 -3.24
CA ASP A 665 19.56 -33.50 -4.25
C ASP A 665 20.23 -34.31 -5.36
N GLY A 666 21.06 -35.28 -4.96
CA GLY A 666 21.64 -36.23 -5.88
C GLY A 666 22.62 -35.64 -6.88
N VAL A 667 23.34 -34.59 -6.49
CA VAL A 667 24.20 -33.87 -7.42
C VAL A 667 25.19 -33.03 -6.64
N VAL A 668 26.35 -32.76 -7.25
CA VAL A 668 27.25 -31.70 -6.81
C VAL A 668 27.52 -30.78 -8.01
N VAL A 669 27.07 -29.54 -7.92
CA VAL A 669 27.18 -28.54 -8.98
C VAL A 669 28.21 -27.50 -8.56
N ILE A 670 29.20 -27.25 -9.42
CA ILE A 670 30.40 -26.48 -9.04
C ILE A 670 30.71 -25.46 -10.13
N GLU A 671 30.64 -24.16 -9.79
CA GLU A 671 31.22 -23.12 -10.64
C GLU A 671 32.75 -23.23 -10.64
N ALA A 672 33.37 -23.20 -11.82
CA ALA A 672 34.74 -23.69 -11.96
C ALA A 672 35.78 -22.93 -11.13
N GLU A 673 35.52 -21.67 -10.77
CA GLU A 673 36.54 -20.94 -10.01
C GLU A 673 36.56 -21.32 -8.54
N HIS A 674 35.56 -22.05 -8.05
CA HIS A 674 35.52 -22.45 -6.65
C HIS A 674 36.25 -23.77 -6.45
N TYR A 675 37.55 -23.75 -6.76
CA TYR A 675 38.41 -24.90 -6.56
C TYR A 675 38.86 -25.00 -5.10
N PHE A 676 39.38 -26.17 -4.74
CA PHE A 676 40.02 -26.36 -3.45
C PHE A 676 41.48 -25.92 -3.48
N GLU A 677 42.25 -26.43 -4.44
CA GLU A 677 43.55 -25.86 -4.75
C GLU A 677 43.76 -25.87 -6.25
N ALA A 678 44.66 -25.00 -6.71
CA ALA A 678 45.08 -24.96 -8.10
C ALA A 678 46.60 -24.95 -8.16
N LYS A 679 47.18 -25.91 -8.88
CA LYS A 679 48.61 -25.94 -9.13
C LYS A 679 48.89 -25.43 -10.54
N ASP A 680 49.79 -24.44 -10.64
CA ASP A 680 50.10 -23.81 -11.90
C ASP A 680 51.02 -24.69 -12.74
N ALA A 681 51.28 -24.24 -13.98
CA ALA A 681 52.28 -24.84 -14.84
C ALA A 681 53.63 -24.16 -14.60
N GLU A 682 54.66 -24.65 -15.30
CA GLU A 682 55.82 -23.82 -15.58
C GLU A 682 55.39 -22.65 -16.45
N GLU A 683 55.51 -21.43 -15.91
CA GLU A 683 55.22 -20.18 -16.61
C GLU A 683 53.73 -19.82 -16.66
N ALA A 684 52.84 -20.74 -17.06
CA ALA A 684 51.42 -20.40 -17.20
C ALA A 684 50.67 -20.57 -15.89
N LYS A 685 49.80 -19.60 -15.59
CA LYS A 685 49.13 -19.50 -14.29
C LYS A 685 47.61 -19.51 -14.46
N TRP A 686 46.93 -20.16 -13.53
CA TRP A 686 45.47 -20.20 -13.54
C TRP A 686 44.91 -18.80 -13.38
N THR A 687 44.04 -18.41 -14.31
CA THR A 687 43.55 -17.05 -14.37
C THR A 687 42.03 -17.09 -14.52
N VAL A 688 41.32 -16.49 -13.59
CA VAL A 688 39.87 -16.47 -13.75
C VAL A 688 39.50 -15.23 -14.55
N ILE A 689 38.57 -15.43 -15.47
CA ILE A 689 38.04 -14.37 -16.32
C ILE A 689 36.65 -14.00 -15.80
N PRO A 690 36.54 -12.93 -15.03
CA PRO A 690 35.24 -12.58 -14.43
C PRO A 690 34.13 -12.49 -15.47
N TYR A 691 32.95 -13.00 -15.10
CA TYR A 691 31.71 -12.94 -15.87
C TYR A 691 31.67 -13.83 -17.09
N MET A 692 32.76 -14.52 -17.44
CA MET A 692 32.85 -15.19 -18.72
C MET A 692 32.12 -16.53 -18.67
N GLY A 693 31.36 -16.81 -19.73
CA GLY A 693 30.55 -18.01 -19.80
C GLY A 693 29.12 -17.71 -19.38
N ARG A 694 28.37 -18.78 -19.16
CA ARG A 694 26.95 -18.63 -18.88
C ARG A 694 26.66 -18.26 -17.44
N THR A 695 27.53 -18.65 -16.51
CA THR A 695 27.26 -18.37 -15.10
C THR A 695 28.40 -17.61 -14.43
N LEU A 696 28.91 -18.10 -13.30
CA LEU A 696 29.79 -17.27 -12.46
C LEU A 696 30.97 -16.68 -13.22
N SER A 697 31.79 -17.54 -13.84
CA SER A 697 33.04 -17.08 -14.47
C SER A 697 33.72 -18.24 -15.19
N SER A 698 34.85 -17.96 -15.84
CA SER A 698 35.69 -18.99 -16.42
C SER A 698 37.08 -18.91 -15.82
N ILE A 699 37.83 -20.01 -15.93
CA ILE A 699 39.18 -20.10 -15.38
C ILE A 699 40.06 -20.89 -16.36
N ALA A 700 41.25 -20.38 -16.64
CA ALA A 700 42.09 -20.93 -17.70
C ALA A 700 43.55 -20.57 -17.44
N LEU A 701 44.45 -21.46 -17.90
CA LEU A 701 45.89 -21.23 -17.79
C LEU A 701 46.36 -20.16 -18.78
N MET A 702 47.01 -19.11 -18.27
CA MET A 702 47.38 -17.98 -19.11
C MET A 702 48.88 -17.74 -19.04
N PRO A 703 49.53 -17.38 -20.16
CA PRO A 703 49.00 -17.26 -21.52
C PRO A 703 48.94 -18.60 -22.28
N TYR A 704 48.37 -18.61 -23.48
CA TYR A 704 48.18 -19.84 -24.23
C TYR A 704 49.43 -20.26 -25.01
N THR A 705 50.57 -19.63 -24.77
CA THR A 705 51.79 -19.97 -25.49
C THR A 705 52.73 -20.88 -24.70
N LYS A 706 52.44 -21.17 -23.43
CA LYS A 706 53.34 -21.98 -22.62
C LYS A 706 52.75 -23.38 -22.44
N GLU A 707 53.61 -24.32 -22.07
CA GLU A 707 53.14 -25.68 -21.86
C GLU A 707 52.32 -25.76 -20.58
N VAL A 708 51.32 -26.65 -20.59
CA VAL A 708 50.44 -26.85 -19.43
C VAL A 708 50.79 -28.09 -18.60
N GLU A 709 51.87 -28.80 -18.92
CA GLU A 709 52.27 -30.03 -18.22
C GLU A 709 52.20 -29.87 -16.71
N GLY A 710 51.54 -30.83 -16.05
CA GLY A 710 51.50 -30.87 -14.61
C GLY A 710 50.49 -29.96 -13.93
N ALA A 711 49.92 -28.99 -14.64
CA ALA A 711 48.94 -28.09 -14.03
C ALA A 711 47.66 -28.84 -13.67
N SER A 712 46.95 -28.31 -12.67
CA SER A 712 45.70 -28.96 -12.31
C SER A 712 44.82 -28.02 -11.48
N LEU A 713 43.52 -28.32 -11.52
CA LEU A 713 42.51 -27.79 -10.61
C LEU A 713 41.92 -28.96 -9.84
N SER A 714 41.75 -28.79 -8.54
CA SER A 714 41.17 -29.86 -7.74
C SER A 714 40.04 -29.32 -6.87
N TYR A 715 38.99 -30.13 -6.72
CA TYR A 715 37.77 -29.76 -6.01
C TYR A 715 37.48 -30.77 -4.91
N ARG A 716 37.09 -30.29 -3.73
CA ARG A 716 36.80 -31.15 -2.59
C ARG A 716 35.30 -31.21 -2.35
N MET A 717 34.76 -32.42 -2.20
CA MET A 717 33.33 -32.57 -2.09
C MET A 717 32.99 -33.79 -1.24
N GLN A 718 31.88 -33.68 -0.52
CA GLN A 718 31.37 -34.76 0.29
C GLN A 718 30.20 -35.41 -0.45
N ILE A 719 30.23 -36.74 -0.53
CA ILE A 719 29.19 -37.50 -1.21
C ILE A 719 28.70 -38.57 -0.24
N PRO A 720 27.38 -38.85 -0.18
CA PRO A 720 26.90 -39.93 0.70
C PRO A 720 27.57 -41.26 0.37
N ASP A 721 28.00 -41.99 1.42
CA ASP A 721 28.78 -43.20 1.18
C ASP A 721 27.95 -44.30 0.50
N GLU A 722 26.64 -44.13 0.39
CA GLU A 722 25.81 -45.03 -0.40
C GLU A 722 26.09 -44.96 -1.90
N VAL A 723 26.85 -43.98 -2.39
CA VAL A 723 27.06 -43.77 -3.81
C VAL A 723 28.27 -44.57 -4.28
N SER A 724 28.09 -45.36 -5.34
CA SER A 724 29.16 -46.23 -5.82
C SER A 724 29.69 -45.84 -7.19
N GLU A 725 28.96 -45.04 -7.97
CA GLU A 725 29.51 -44.52 -9.20
C GLU A 725 28.83 -43.21 -9.55
N VAL A 726 29.58 -42.31 -10.20
CA VAL A 726 29.08 -41.00 -10.57
C VAL A 726 29.33 -40.75 -12.05
N LYS A 727 28.54 -39.84 -12.59
CA LYS A 727 28.72 -39.29 -13.91
C LYS A 727 29.18 -37.86 -13.74
N VAL A 728 30.35 -37.52 -14.28
CA VAL A 728 30.92 -36.17 -14.17
C VAL A 728 30.70 -35.45 -15.49
N HIS A 729 30.00 -34.31 -15.44
CA HIS A 729 29.88 -33.40 -16.58
C HIS A 729 30.85 -32.23 -16.41
N VAL A 730 31.53 -31.86 -17.49
CA VAL A 730 32.46 -30.73 -17.48
C VAL A 730 32.08 -29.82 -18.63
N VAL A 731 31.80 -28.56 -18.31
CA VAL A 731 31.42 -27.55 -19.30
C VAL A 731 32.64 -26.67 -19.55
N VAL A 732 33.05 -26.57 -20.81
CA VAL A 732 34.13 -25.68 -21.20
C VAL A 732 33.65 -24.80 -22.35
N LYS A 733 34.38 -23.71 -22.59
CA LYS A 733 34.13 -22.88 -23.76
C LYS A 733 34.32 -23.71 -25.03
N SER A 734 33.51 -23.43 -26.06
CA SER A 734 33.64 -24.13 -27.32
C SER A 734 34.87 -23.66 -28.11
N THR A 735 36.05 -23.72 -27.48
CA THR A 735 37.29 -23.48 -28.20
C THR A 735 37.46 -24.54 -29.29
N LEU A 736 38.00 -24.13 -30.40
CA LEU A 736 38.26 -25.02 -31.52
C LEU A 736 39.72 -25.48 -31.52
N PRO A 737 40.08 -26.54 -32.28
CA PRO A 737 41.48 -27.06 -32.26
C PRO A 737 42.45 -26.23 -33.10
N PHE A 738 42.77 -25.03 -32.60
CA PHE A 738 43.57 -24.09 -33.39
C PHE A 738 45.03 -24.50 -33.48
N HIS A 739 45.53 -25.26 -32.50
CA HIS A 739 46.93 -25.65 -32.44
C HIS A 739 47.22 -27.02 -33.05
N ASP A 740 46.19 -27.86 -33.21
CA ASP A 740 46.39 -29.26 -33.51
C ASP A 740 45.04 -29.91 -33.76
N PRO A 741 44.74 -30.36 -34.99
CA PRO A 741 43.40 -30.85 -35.30
C PRO A 741 43.00 -32.11 -34.54
N LYS A 742 43.94 -32.78 -33.85
CA LYS A 742 43.57 -33.84 -32.91
C LYS A 742 42.50 -33.35 -31.92
N GLY A 743 42.55 -32.08 -31.55
CA GLY A 743 41.62 -31.50 -30.60
C GLY A 743 42.26 -31.29 -29.25
N HIS A 744 41.54 -30.57 -28.39
CA HIS A 744 41.98 -30.35 -27.03
C HIS A 744 41.54 -31.50 -26.16
N GLU A 745 42.43 -31.92 -25.25
CA GLU A 745 42.04 -32.89 -24.23
C GLU A 745 42.34 -32.36 -22.83
N TYR A 746 41.57 -32.85 -21.87
CA TYR A 746 41.87 -32.71 -20.45
C TYR A 746 41.60 -34.05 -19.79
N ARG A 747 42.29 -34.31 -18.68
CA ARG A 747 42.09 -35.52 -17.88
C ARG A 747 41.22 -35.20 -16.68
N VAL A 748 40.24 -36.06 -16.40
CA VAL A 748 39.26 -35.83 -15.34
C VAL A 748 39.05 -37.12 -14.56
N GLY A 749 39.16 -37.04 -13.24
CA GLY A 749 38.92 -38.21 -12.40
C GLY A 749 39.10 -37.88 -10.94
N PHE A 750 38.82 -38.87 -10.10
CA PHE A 750 38.94 -38.69 -8.66
C PHE A 750 40.31 -39.16 -8.17
N GLU A 751 40.86 -38.41 -7.21
CA GLU A 751 42.20 -38.70 -6.73
C GLU A 751 42.20 -40.00 -5.95
N GLY A 752 43.12 -40.89 -6.32
CA GLY A 752 43.09 -42.24 -5.79
C GLY A 752 42.07 -43.14 -6.46
N GLY A 753 41.47 -42.69 -7.56
CA GLY A 753 40.51 -43.49 -8.27
C GLY A 753 40.73 -43.46 -9.76
N SER A 754 39.72 -43.85 -10.53
CA SER A 754 39.85 -43.87 -11.98
C SER A 754 39.79 -42.47 -12.58
N LYS A 755 40.58 -42.26 -13.63
CA LYS A 755 40.57 -41.04 -14.42
C LYS A 755 40.33 -41.42 -15.88
N GLU A 756 39.68 -40.51 -16.62
CA GLU A 756 39.53 -40.65 -18.06
C GLU A 756 39.99 -39.37 -18.74
N ILE A 757 40.27 -39.48 -20.03
CA ILE A 757 40.71 -38.36 -20.85
C ILE A 757 39.57 -37.99 -21.79
N VAL A 758 39.23 -36.71 -21.84
CA VAL A 758 38.17 -36.19 -22.69
C VAL A 758 38.79 -35.35 -23.78
N ASN A 759 38.46 -35.65 -25.03
CA ASN A 759 38.75 -34.78 -26.17
C ASN A 759 37.42 -34.14 -26.57
N PHE A 760 37.29 -32.83 -26.33
CA PHE A 760 35.98 -32.19 -26.39
C PHE A 760 35.68 -31.51 -27.72
N ASN A 761 36.66 -31.39 -28.64
CA ASN A 761 36.39 -30.64 -29.85
C ASN A 761 36.96 -31.30 -31.11
N TRP A 762 37.31 -32.59 -31.06
CA TRP A 762 37.87 -33.29 -32.22
C TRP A 762 36.92 -33.23 -33.40
N ASN A 763 35.62 -33.11 -33.14
CA ASN A 763 34.62 -33.13 -34.20
C ASN A 763 34.01 -31.76 -34.45
N LEU A 764 34.65 -30.69 -33.99
CA LEU A 764 34.13 -29.34 -34.22
C LEU A 764 34.81 -28.74 -35.44
N ASN A 765 34.35 -29.16 -36.63
CA ASN A 765 34.96 -28.74 -37.88
C ASN A 765 33.93 -28.83 -39.00
N GLU A 766 34.35 -28.46 -40.20
CA GLU A 766 33.51 -28.45 -41.37
C GLU A 766 33.63 -29.72 -42.22
N GLU A 767 34.09 -30.83 -41.65
CA GLU A 767 33.93 -32.10 -42.34
C GLU A 767 32.44 -32.32 -42.58
N PRO A 768 32.07 -32.98 -43.68
CA PRO A 768 30.64 -33.10 -44.02
C PRO A 768 29.79 -33.75 -42.94
N GLU A 769 30.33 -34.72 -42.19
CA GLU A 769 29.59 -35.38 -41.13
C GLU A 769 29.52 -34.56 -39.84
N ASN A 770 30.28 -33.47 -39.73
CA ASN A 770 30.34 -32.70 -38.51
C ASN A 770 29.69 -31.33 -38.63
N ILE A 771 29.70 -30.76 -39.84
CA ILE A 771 29.57 -29.31 -40.00
C ILE A 771 28.23 -28.81 -39.46
N TYR A 772 27.14 -29.52 -39.77
CA TYR A 772 25.82 -29.10 -39.29
C TYR A 772 25.26 -30.00 -38.20
N SER A 773 25.77 -31.22 -38.07
CA SER A 773 25.27 -32.11 -37.02
C SER A 773 25.71 -31.65 -35.64
N VAL A 774 26.93 -31.13 -35.51
CA VAL A 774 27.52 -30.80 -34.22
C VAL A 774 28.22 -29.45 -34.29
N PHE A 775 28.99 -29.23 -35.34
CA PHE A 775 29.92 -28.10 -35.36
C PHE A 775 29.22 -26.76 -35.14
N TYR A 776 28.40 -26.35 -36.09
CA TYR A 776 27.73 -25.06 -35.94
C TYR A 776 26.78 -25.03 -34.75
N PRO A 777 26.01 -26.09 -34.45
CA PRO A 777 25.23 -26.11 -33.21
C PRO A 777 26.04 -25.82 -31.94
N THR A 778 27.19 -26.49 -31.71
CA THR A 778 27.85 -26.20 -30.43
C THR A 778 28.53 -24.83 -30.42
N VAL A 779 29.13 -24.38 -31.53
CA VAL A 779 29.83 -23.08 -31.48
C VAL A 779 28.83 -21.94 -31.33
N ALA A 780 27.63 -22.05 -31.92
CA ALA A 780 26.63 -21.00 -31.71
C ALA A 780 26.16 -20.96 -30.26
N SER A 781 26.26 -22.09 -29.55
CA SER A 781 25.93 -22.15 -28.14
C SER A 781 27.05 -21.65 -27.25
N ARG A 782 28.28 -21.59 -27.78
CA ARG A 782 29.49 -21.04 -27.17
C ARG A 782 30.11 -21.97 -26.13
N VAL A 783 29.53 -23.15 -25.87
CA VAL A 783 30.06 -24.03 -24.83
C VAL A 783 30.04 -25.48 -25.31
N VAL A 784 30.85 -26.30 -24.67
CA VAL A 784 30.87 -27.74 -24.90
C VAL A 784 30.70 -28.43 -23.56
N LYS A 785 29.75 -29.36 -23.47
CA LYS A 785 29.60 -30.21 -22.29
C LYS A 785 29.96 -31.63 -22.66
N LYS A 786 30.80 -32.26 -21.84
CA LYS A 786 31.17 -33.65 -22.00
C LYS A 786 30.95 -34.37 -20.67
N ASP A 787 30.80 -35.70 -20.72
CA ASP A 787 30.59 -36.46 -19.50
C ASP A 787 31.39 -37.74 -19.52
N VAL A 788 31.91 -38.12 -18.36
CA VAL A 788 32.51 -39.43 -18.16
C VAL A 788 31.75 -40.10 -17.02
N THR A 789 31.85 -41.42 -16.96
CA THR A 789 31.30 -42.21 -15.87
C THR A 789 32.46 -42.86 -15.12
N LEU A 790 32.56 -42.55 -13.82
CA LEU A 790 33.69 -42.97 -13.01
C LEU A 790 33.18 -43.75 -11.81
N ASP A 791 33.81 -44.89 -11.53
CA ASP A 791 33.53 -45.62 -10.31
C ASP A 791 33.98 -44.81 -9.10
N LEU A 792 33.21 -44.90 -8.02
CA LEU A 792 33.50 -44.19 -6.78
C LEU A 792 34.13 -45.19 -5.80
N HIS A 793 35.43 -45.01 -5.54
CA HIS A 793 36.12 -45.86 -4.58
C HIS A 793 35.71 -45.48 -3.17
N ASP A 794 35.99 -46.38 -2.23
CA ASP A 794 35.53 -46.16 -0.87
C ASP A 794 36.48 -45.21 -0.13
N THR A 795 35.89 -44.37 0.71
CA THR A 795 36.62 -43.47 1.57
C THR A 795 35.97 -43.47 2.94
N ASP A 796 36.77 -43.26 3.97
CA ASP A 796 36.28 -43.38 5.35
C ASP A 796 35.36 -42.22 5.72
N ASP A 797 35.61 -41.03 5.16
CA ASP A 797 34.94 -39.81 5.56
C ASP A 797 33.93 -39.30 4.54
N GLY A 798 33.80 -39.96 3.39
CA GLY A 798 32.91 -39.47 2.36
C GLY A 798 33.45 -38.31 1.54
N PHE A 799 34.65 -37.80 1.84
CA PHE A 799 35.22 -36.70 1.08
C PHE A 799 36.00 -37.22 -0.10
N TYR A 800 35.85 -36.55 -1.25
CA TYR A 800 36.52 -36.90 -2.49
C TYR A 800 37.16 -35.66 -3.09
N THR A 801 38.19 -35.89 -3.89
CA THR A 801 38.86 -34.82 -4.64
C THR A 801 38.75 -35.12 -6.12
N LEU A 802 38.04 -34.26 -6.84
CA LEU A 802 37.98 -34.34 -8.30
C LEU A 802 39.05 -33.41 -8.88
N THR A 803 39.83 -33.92 -9.83
CA THR A 803 40.88 -33.10 -10.44
C THR A 803 40.63 -32.93 -11.92
N LEU A 804 41.03 -31.77 -12.43
CA LEU A 804 40.97 -31.44 -13.86
C LEU A 804 42.37 -31.10 -14.33
N GLU A 805 42.92 -31.91 -15.21
CA GLU A 805 44.27 -31.66 -15.73
C GLU A 805 44.18 -31.34 -17.21
N PRO A 806 44.40 -30.09 -17.62
CA PRO A 806 44.36 -29.79 -19.05
C PRO A 806 45.61 -30.32 -19.73
N LEU A 807 45.45 -30.81 -20.94
CA LEU A 807 46.59 -31.36 -21.67
C LEU A 807 46.94 -30.57 -22.92
N ASP A 808 46.21 -29.50 -23.22
CA ASP A 808 46.51 -28.64 -24.35
C ASP A 808 46.31 -27.20 -23.92
N PRO A 809 46.94 -26.25 -24.59
CA PRO A 809 46.74 -24.84 -24.23
C PRO A 809 45.40 -24.32 -24.72
N GLY A 810 44.84 -23.38 -23.94
CA GLY A 810 43.65 -22.68 -24.38
C GLY A 810 42.33 -23.27 -23.94
N ILE A 811 42.32 -24.11 -22.89
CA ILE A 811 41.09 -24.73 -22.42
C ILE A 811 40.46 -23.84 -21.36
N VAL A 812 39.21 -23.45 -21.58
CA VAL A 812 38.53 -22.49 -20.72
C VAL A 812 37.48 -23.26 -19.91
N PHE A 813 37.80 -23.60 -18.66
CA PHE A 813 36.89 -24.35 -17.81
C PHE A 813 35.82 -23.44 -17.22
N GLN A 814 34.57 -23.94 -17.11
CA GLN A 814 33.46 -23.10 -16.70
C GLN A 814 32.60 -23.70 -15.60
N LYS A 815 32.29 -24.99 -15.67
CA LYS A 815 31.35 -25.55 -14.70
C LYS A 815 31.49 -27.06 -14.69
N ILE A 816 31.27 -27.65 -13.51
CA ILE A 816 31.32 -29.09 -13.29
C ILE A 816 30.04 -29.52 -12.57
N VAL A 817 29.48 -30.66 -12.96
CA VAL A 817 28.44 -31.28 -12.14
C VAL A 817 28.73 -32.78 -12.04
N VAL A 818 28.91 -33.27 -10.82
CA VAL A 818 29.00 -34.70 -10.59
C VAL A 818 27.59 -35.19 -10.26
N ASP A 819 27.14 -36.16 -11.05
CA ASP A 819 25.74 -36.53 -11.20
C ASP A 819 25.56 -37.95 -10.68
N PHE A 820 24.68 -38.12 -9.71
CA PHE A 820 24.34 -39.46 -9.20
C PHE A 820 22.85 -39.52 -8.91
N GLY A 821 22.04 -39.09 -9.89
CA GLY A 821 20.60 -39.16 -9.77
C GLY A 821 19.89 -37.84 -9.97
N GLY A 822 20.45 -36.74 -9.48
CA GLY A 822 19.72 -35.49 -9.44
C GLY A 822 19.92 -34.55 -10.61
N TYR A 823 20.61 -34.99 -11.67
CA TYR A 823 20.94 -34.12 -12.78
C TYR A 823 19.70 -33.70 -13.55
N GLU A 824 19.62 -32.42 -13.90
CA GLU A 824 18.52 -31.85 -14.65
C GLU A 824 19.09 -31.08 -15.84
N GLU A 825 18.62 -31.40 -17.04
CA GLU A 825 19.07 -30.68 -18.24
C GLU A 825 18.65 -29.23 -18.16
N SER A 826 19.60 -28.32 -18.35
CA SER A 826 19.30 -26.91 -18.13
C SER A 826 20.37 -26.06 -18.77
N ARG A 827 19.95 -24.89 -19.27
CA ARG A 827 20.85 -24.02 -20.02
C ARG A 827 22.01 -23.53 -19.16
N LEU A 828 21.79 -23.35 -17.86
CA LEU A 828 22.83 -22.86 -16.95
C LEU A 828 23.53 -23.97 -16.17
N PHE A 829 23.10 -25.23 -16.33
CA PHE A 829 23.72 -26.40 -15.69
C PHE A 829 23.54 -26.41 -14.18
N MET A 830 22.39 -25.90 -13.72
CA MET A 830 21.83 -26.13 -12.38
C MET A 830 22.42 -25.16 -11.36
N GLU A 831 21.77 -25.08 -10.20
CA GLU A 831 22.22 -24.21 -9.11
C GLU A 831 23.41 -24.83 -8.40
N GLU A 832 24.42 -24.00 -8.11
CA GLU A 832 25.60 -24.48 -7.41
C GLU A 832 25.21 -25.07 -6.05
N SER A 833 25.88 -26.18 -5.68
CA SER A 833 25.57 -26.88 -4.44
C SER A 833 26.12 -26.11 -3.23
N PRO A 834 25.64 -26.41 -2.02
CA PRO A 834 26.19 -25.75 -0.82
C PRO A 834 27.71 -25.90 -0.72
N ASN A 835 28.37 -24.84 -0.26
CA ASN A 835 29.82 -24.86 -0.15
C ASN A 835 30.30 -23.82 0.86
N LYS A 836 31.57 -23.96 1.24
CA LYS A 836 32.24 -23.10 2.21
C LYS A 836 33.69 -22.89 1.78
N ARG A 837 34.32 -21.82 2.28
CA ARG A 837 35.74 -21.53 2.05
C ARG A 837 36.52 -21.63 3.36
N ILE A 838 37.81 -22.01 3.27
CA ILE A 838 38.58 -22.48 4.42
C ILE A 838 39.84 -21.68 4.75
N GLU A 839 40.87 -21.77 3.90
CA GLU A 839 42.28 -21.43 4.24
C GLU A 839 42.91 -22.53 5.08
CA CA B . 2.43 7.44 8.83
CA CA C . -29.37 -1.15 10.85
CA CA D . 15.27 8.29 6.27
#